data_8I5U
#
_entry.id   8I5U
#
_cell.length_a   177.765
_cell.length_b   54.129
_cell.length_c   83.330
_cell.angle_alpha   90.000
_cell.angle_beta   90.000
_cell.angle_gamma   90.000
#
_symmetry.space_group_name_H-M   'P 21 21 2'
#
loop_
_entity.id
_entity.type
_entity.pdbx_description
1 polymer beta-glucosidase
2 branched beta-D-glucopyranose-(1-3)-beta-D-glucopyranose
3 non-polymer GLYCEROL
4 non-polymer 'CALCIUM ION'
5 non-polymer 1,2-ETHANEDIOL
6 water water
#
_entity_poly.entity_id   1
_entity_poly.type   'polypeptide(L)'
_entity_poly.pdbx_seq_one_letter_code
;AMALTGCSEKININEDKISHKIDIPDSAWTIGIGEKFKNAGHPNVKYPMIDDSYVQGAPLGGFGAGTIGRTYNGGFSRWH
LEIGKNKYTTVYANQFSVFQKVEGNKDGVAQVLYAGEPENGYLSSWKWDYPKESGMYYALYPNSWYTYTNKDLPVQLAVK
QFSPIIPYNYKETSYPVAVFKWTAYNPTNKNVDVSIMFTWQNMIGFFGKQVNVNSGNFNKIIKDKSKDSEIVAAVMGNIS
NDNEEWNGEYSIGVKKVPGVDISYKAKFVTTGDGSDLWHEFSKNGILDNKDDETPTKQDGIGSAIAVNFKLQPGQTIEVP
FALSWDLPIMKFGGGDKWYKMYTKYFGKNGKNSFAILKEALNNYQKWEKMIDDWQKPILSNKSKPDWYKTALFNELYYLA
DGGTAWENGKVGEKDKRTNNMFGLLECFDYNYYETLDVRFYGSFPLVMLWPDIEKQVMRQFADTINVQDSSEFKVGSNGA
MAVKKVQGMIPHDLGSSYALPWIKINAYDWQNPNIWKDLNSKYVLLVYRDYVLTGKTDKEFLKYTWKSVKTALDKLKEMD
KDNDGIPDNEGIPDQTYNTWSMKGTSAYCGSLWLAALKAAQEIGKVLKDNEAYIKYNEWYKIAQQNFEKELWNGEYYNFD
TESDHKDSIMADQLAGQWYADILRLGDILPKDHVQKALKKIYEFNVMKFENGKMGAVNGMRPDGIVDESDIQAQEVWTGV
TYALASFMKYRGMTEEAYNTAYGVYKMTYDKSGKGYWFRTPEAWTKDGNYRASMYMRPLSIWSMEVNYNEVLEHHHHHH
;
_entity_poly.pdbx_strand_id   A
#
loop_
_chem_comp.id
_chem_comp.type
_chem_comp.name
_chem_comp.formula
BGC D-saccharide, beta linking beta-D-glucopyranose 'C6 H12 O6'
CA non-polymer 'CALCIUM ION' 'Ca 2'
EDO non-polymer 1,2-ETHANEDIOL 'C2 H6 O2'
GOL non-polymer GLYCEROL 'C3 H8 O3'
#
# COMPACT_ATOMS: atom_id res chain seq x y z
N ASP A 16 17.97 -7.39 -26.09
CA ASP A 16 16.74 -7.89 -25.40
C ASP A 16 15.83 -8.66 -26.37
N LYS A 17 15.92 -9.99 -26.32
CA LYS A 17 15.06 -10.90 -27.08
C LYS A 17 14.03 -11.64 -26.19
N ILE A 18 14.10 -11.44 -24.88
CA ILE A 18 13.19 -12.13 -23.93
C ILE A 18 11.86 -11.38 -23.81
N SER A 19 11.89 -10.05 -23.86
CA SER A 19 10.65 -9.24 -23.74
C SER A 19 9.53 -9.70 -24.67
N HIS A 20 9.88 -10.10 -25.88
CA HIS A 20 8.93 -10.64 -26.87
C HIS A 20 8.26 -11.97 -26.45
N LYS A 21 8.94 -12.75 -25.62
CA LYS A 21 8.42 -14.04 -25.11
C LYS A 21 7.55 -13.89 -23.86
N ILE A 22 7.39 -12.67 -23.34
CA ILE A 22 6.52 -12.42 -22.18
C ILE A 22 5.58 -11.27 -22.50
N ASP A 23 4.67 -10.95 -21.58
CA ASP A 23 3.71 -9.88 -21.89
C ASP A 23 3.70 -8.84 -20.78
N ILE A 24 4.61 -7.87 -20.92
CA ILE A 24 4.68 -6.76 -19.97
C ILE A 24 3.90 -5.60 -20.56
N PRO A 25 2.95 -5.03 -19.81
CA PRO A 25 2.20 -3.88 -20.33
C PRO A 25 3.08 -2.66 -20.49
N ASP A 26 2.80 -1.85 -21.52
CA ASP A 26 3.59 -0.64 -21.75
C ASP A 26 3.51 0.37 -20.60
N SER A 27 2.44 0.32 -19.81
CA SER A 27 2.32 1.21 -18.68
C SER A 27 3.10 0.75 -17.44
N ALA A 28 3.75 -0.41 -17.47
CA ALA A 28 4.58 -0.79 -16.33
C ALA A 28 5.63 0.28 -16.05
N TRP A 29 5.84 0.58 -14.77
CA TRP A 29 6.97 1.39 -14.34
C TRP A 29 8.23 0.60 -14.61
N THR A 30 9.28 1.25 -15.10
N THR A 30 9.30 1.24 -15.05
CA THR A 30 10.55 0.59 -15.44
CA THR A 30 10.52 0.50 -15.35
C THR A 30 11.76 1.27 -14.83
C THR A 30 11.77 1.24 -14.96
N ILE A 31 12.78 0.47 -14.55
CA ILE A 31 14.08 0.98 -14.13
C ILE A 31 15.10 -0.10 -14.46
N GLY A 32 16.34 0.31 -14.70
CA GLY A 32 17.42 -0.65 -14.88
C GLY A 32 17.76 -1.38 -13.60
N ILE A 33 18.01 -2.69 -13.71
CA ILE A 33 18.54 -3.44 -12.57
C ILE A 33 19.94 -2.88 -12.27
N GLY A 34 20.15 -2.46 -11.03
CA GLY A 34 21.41 -1.86 -10.62
C GLY A 34 21.51 -0.37 -10.88
N GLU A 35 20.45 0.25 -11.39
CA GLU A 35 20.50 1.68 -11.71
C GLU A 35 20.67 2.49 -10.44
N LYS A 36 21.57 3.48 -10.51
CA LYS A 36 21.73 4.46 -9.46
C LYS A 36 20.83 5.62 -9.86
N PHE A 37 20.09 6.12 -8.89
CA PHE A 37 19.20 7.26 -9.09
C PHE A 37 19.85 8.41 -8.38
N LYS A 38 19.99 9.53 -9.06
CA LYS A 38 20.78 10.64 -8.53
C LYS A 38 19.96 11.76 -7.88
N ASN A 39 18.68 11.83 -8.18
CA ASN A 39 17.88 12.97 -7.72
C ASN A 39 17.04 12.71 -6.46
N ALA A 40 17.37 11.71 -5.62
CA ALA A 40 16.40 11.28 -4.63
C ALA A 40 16.14 12.29 -3.53
N GLY A 41 14.88 12.39 -3.16
CA GLY A 41 14.47 13.27 -2.07
C GLY A 41 14.67 12.65 -0.72
N HIS A 42 14.68 13.51 0.30
CA HIS A 42 14.86 13.08 1.66
C HIS A 42 13.85 13.83 2.53
N PRO A 43 13.68 13.40 3.78
CA PRO A 43 12.72 14.12 4.63
C PRO A 43 13.06 15.58 4.82
N ASN A 44 12.04 16.42 4.85
CA ASN A 44 12.23 17.87 5.04
C ASN A 44 11.86 18.38 6.43
N VAL A 45 11.65 17.46 7.36
CA VAL A 45 11.27 17.77 8.72
C VAL A 45 12.52 17.80 9.60
N LYS A 46 12.38 18.42 10.76
CA LYS A 46 13.49 18.51 11.70
C LYS A 46 13.66 17.23 12.53
N TYR A 47 12.57 16.50 12.75
CA TYR A 47 12.52 15.32 13.62
C TYR A 47 12.87 14.03 12.83
N PRO A 48 13.32 12.96 13.51
CA PRO A 48 13.63 11.74 12.78
C PRO A 48 12.43 11.19 11.98
N MET A 49 12.70 10.72 10.78
CA MET A 49 11.65 10.26 9.85
C MET A 49 12.23 9.17 8.95
N ILE A 50 11.40 8.17 8.65
CA ILE A 50 11.85 7.06 7.82
C ILE A 50 12.31 7.54 6.44
N ASP A 51 13.47 7.05 6.02
CA ASP A 51 13.96 7.20 4.67
C ASP A 51 14.69 5.93 4.31
N ASP A 52 14.00 5.00 3.65
CA ASP A 52 14.61 3.74 3.26
C ASP A 52 15.31 3.74 1.90
N SER A 53 15.42 4.94 1.32
N SER A 53 15.52 4.90 1.29
CA SER A 53 16.00 5.22 0.01
CA SER A 53 16.17 4.99 -0.03
C SER A 53 15.15 4.69 -1.13
C SER A 53 15.18 4.66 -1.13
N TYR A 54 15.64 4.91 -2.34
CA TYR A 54 14.89 4.64 -3.56
C TYR A 54 14.96 3.20 -4.04
N VAL A 55 15.73 2.33 -3.36
CA VAL A 55 15.82 0.93 -3.77
C VAL A 55 14.63 0.18 -3.17
N GLN A 56 13.55 0.16 -3.95
CA GLN A 56 12.25 -0.40 -3.55
C GLN A 56 11.69 -1.18 -4.72
N GLY A 57 10.57 -1.85 -4.48
CA GLY A 57 9.82 -2.54 -5.52
C GLY A 57 8.40 -2.77 -5.11
N ALA A 58 7.60 -3.31 -6.03
CA ALA A 58 6.24 -3.68 -5.71
C ALA A 58 6.21 -4.82 -4.68
N PRO A 59 5.34 -4.73 -3.65
CA PRO A 59 5.34 -5.77 -2.63
C PRO A 59 4.72 -7.08 -3.08
N LEU A 60 5.06 -8.12 -2.34
CA LEU A 60 4.46 -9.43 -2.44
C LEU A 60 3.76 -9.72 -1.13
N GLY A 61 2.62 -10.40 -1.20
CA GLY A 61 1.83 -10.78 -0.04
C GLY A 61 0.44 -10.18 -0.07
N GLY A 62 -0.50 -10.91 0.49
CA GLY A 62 -1.88 -10.51 0.54
C GLY A 62 -2.22 -9.53 1.64
N PHE A 63 -3.47 -9.08 1.63
CA PHE A 63 -3.96 -8.17 2.67
C PHE A 63 -3.96 -8.88 4.02
N GLY A 64 -3.34 -8.27 5.02
CA GLY A 64 -3.30 -8.84 6.36
C GLY A 64 -2.32 -9.98 6.50
N ALA A 65 -1.56 -10.30 5.45
CA ALA A 65 -0.65 -11.45 5.48
C ALA A 65 0.72 -11.13 6.02
N GLY A 66 1.06 -9.84 6.10
CA GLY A 66 2.46 -9.42 6.14
C GLY A 66 2.95 -9.37 4.71
N THR A 67 3.71 -8.36 4.34
CA THR A 67 4.23 -8.25 2.99
C THR A 67 5.74 -8.18 3.00
N ILE A 68 6.28 -8.49 1.83
CA ILE A 68 7.72 -8.51 1.60
C ILE A 68 7.99 -7.67 0.37
N GLY A 69 8.83 -6.65 0.51
CA GLY A 69 9.25 -5.81 -0.61
C GLY A 69 10.52 -6.30 -1.21
N ARG A 70 10.41 -6.85 -2.42
CA ARG A 70 11.55 -7.25 -3.23
C ARG A 70 11.85 -6.07 -4.16
N THR A 71 13.07 -5.57 -4.11
CA THR A 71 13.39 -4.32 -4.79
C THR A 71 13.77 -4.55 -6.24
N TYR A 72 13.89 -3.45 -6.98
CA TYR A 72 14.31 -3.54 -8.37
C TYR A 72 15.72 -4.11 -8.57
N ASN A 73 16.53 -4.10 -7.51
CA ASN A 73 17.86 -4.72 -7.56
C ASN A 73 17.83 -6.21 -7.27
N GLY A 74 16.68 -6.75 -6.86
CA GLY A 74 16.48 -8.18 -6.68
C GLY A 74 16.43 -8.65 -5.24
N GLY A 75 16.81 -7.79 -4.29
CA GLY A 75 16.87 -8.19 -2.90
C GLY A 75 15.53 -8.17 -2.21
N PHE A 76 15.35 -9.09 -1.27
CA PHE A 76 14.19 -9.10 -0.37
C PHE A 76 14.57 -8.23 0.80
N SER A 77 14.05 -7.00 0.80
CA SER A 77 14.60 -5.93 1.62
C SER A 77 13.62 -5.16 2.47
N ARG A 78 12.36 -4.97 2.06
CA ARG A 78 11.46 -4.15 2.86
C ARG A 78 10.45 -5.05 3.54
N TRP A 79 10.69 -5.35 4.81
CA TRP A 79 9.99 -6.41 5.52
C TRP A 79 8.86 -5.81 6.32
N HIS A 80 7.64 -6.22 5.99
CA HIS A 80 6.42 -5.83 6.69
C HIS A 80 5.73 -7.06 7.25
N LEU A 81 6.50 -8.08 7.59
CA LEU A 81 5.93 -9.31 8.14
C LEU A 81 5.45 -9.15 9.57
N GLU A 82 6.08 -8.27 10.33
CA GLU A 82 5.61 -7.87 11.65
C GLU A 82 4.59 -6.78 11.41
N ILE A 83 3.31 -7.10 11.62
CA ILE A 83 2.22 -6.25 11.17
C ILE A 83 2.25 -4.89 11.85
N GLY A 84 2.31 -3.84 11.04
CA GLY A 84 2.40 -2.48 11.53
C GLY A 84 3.81 -1.91 11.58
N LYS A 85 4.82 -2.73 11.31
CA LYS A 85 6.22 -2.31 11.34
C LYS A 85 6.86 -2.36 9.95
N ASN A 86 7.81 -1.47 9.75
CA ASN A 86 8.59 -1.36 8.53
C ASN A 86 10.06 -1.61 8.87
N LYS A 87 10.64 -2.70 8.36
CA LYS A 87 12.04 -3.04 8.65
C LYS A 87 12.76 -3.21 7.32
N TYR A 88 13.68 -2.30 7.01
CA TYR A 88 14.38 -2.30 5.75
C TYR A 88 15.77 -2.87 5.97
N THR A 89 15.96 -4.11 5.51
CA THR A 89 17.23 -4.79 5.62
C THR A 89 17.22 -5.93 4.62
N THR A 90 18.26 -6.06 3.81
CA THR A 90 18.32 -7.12 2.82
C THR A 90 18.77 -8.42 3.47
N VAL A 91 17.95 -9.45 3.35
CA VAL A 91 18.32 -10.79 3.83
C VAL A 91 19.02 -11.45 2.66
N TYR A 92 20.35 -11.45 2.71
CA TYR A 92 21.13 -11.75 1.52
C TYR A 92 21.00 -13.18 1.01
N ALA A 93 20.68 -14.13 1.89
CA ALA A 93 20.50 -15.50 1.44
C ALA A 93 19.28 -15.69 0.55
N ASN A 94 18.34 -14.74 0.54
CA ASN A 94 17.09 -14.88 -0.21
C ASN A 94 17.29 -14.36 -1.62
N GLN A 95 17.38 -15.26 -2.61
CA GLN A 95 17.77 -14.84 -3.97
C GLN A 95 17.32 -15.84 -4.98
N PHE A 96 17.27 -15.39 -6.23
CA PHE A 96 17.39 -16.27 -7.37
C PHE A 96 18.79 -16.16 -7.96
N SER A 97 19.32 -17.30 -8.35
CA SER A 97 20.63 -17.41 -8.99
C SER A 97 20.51 -18.24 -10.26
N VAL A 98 21.44 -18.03 -11.17
CA VAL A 98 21.45 -18.72 -12.46
C VAL A 98 22.81 -19.37 -12.73
N PHE A 99 22.77 -20.53 -13.38
CA PHE A 99 23.95 -21.18 -13.92
C PHE A 99 23.68 -21.39 -15.41
N GLN A 100 24.70 -21.13 -16.24
CA GLN A 100 24.61 -21.44 -17.68
C GLN A 100 25.93 -22.01 -18.17
N LYS A 101 25.82 -23.03 -19.00
CA LYS A 101 26.99 -23.61 -19.66
C LYS A 101 26.64 -23.93 -21.09
N VAL A 102 27.43 -23.37 -22.02
CA VAL A 102 27.24 -23.63 -23.45
C VAL A 102 27.82 -25.01 -23.75
N GLU A 103 27.04 -25.84 -24.45
CA GLU A 103 27.49 -27.18 -24.83
C GLU A 103 28.79 -27.08 -25.63
N GLY A 104 29.79 -27.87 -25.22
CA GLY A 104 31.13 -27.79 -25.79
C GLY A 104 32.14 -27.16 -24.85
N ASN A 105 31.73 -26.16 -24.07
CA ASN A 105 32.64 -25.50 -23.11
C ASN A 105 32.90 -26.38 -21.90
N LYS A 106 34.08 -26.18 -21.30
CA LYS A 106 34.50 -26.95 -20.12
C LYS A 106 33.84 -26.46 -18.83
N ASP A 107 33.66 -25.13 -18.72
CA ASP A 107 33.09 -24.50 -17.51
C ASP A 107 31.84 -23.69 -17.84
N GLY A 108 30.92 -23.66 -16.87
CA GLY A 108 29.77 -22.76 -16.92
C GLY A 108 30.02 -21.54 -16.06
N VAL A 109 29.02 -20.66 -16.01
CA VAL A 109 29.05 -19.46 -15.20
C VAL A 109 27.85 -19.51 -14.25
N ALA A 110 28.06 -19.01 -13.04
CA ALA A 110 27.00 -18.91 -12.02
C ALA A 110 26.95 -17.49 -11.49
N GLN A 111 25.73 -16.98 -11.26
CA GLN A 111 25.56 -15.57 -10.89
C GLN A 111 24.32 -15.41 -10.03
N VAL A 112 24.46 -14.73 -8.90
CA VAL A 112 23.31 -14.35 -8.10
C VAL A 112 22.65 -13.18 -8.82
N LEU A 113 21.32 -13.22 -8.93
CA LEU A 113 20.57 -12.18 -9.60
C LEU A 113 20.24 -11.05 -8.63
N TYR A 114 21.29 -10.43 -8.10
CA TYR A 114 21.18 -9.35 -7.13
C TYR A 114 22.25 -8.32 -7.47
N ALA A 115 21.85 -7.07 -7.71
CA ALA A 115 22.77 -6.00 -8.05
C ALA A 115 23.29 -5.38 -6.77
N GLY A 116 24.16 -6.11 -6.11
CA GLY A 116 24.76 -5.71 -4.84
C GLY A 116 25.53 -6.88 -4.25
N GLU A 117 26.01 -6.68 -3.03
CA GLU A 117 26.72 -7.73 -2.29
C GLU A 117 26.48 -7.56 -0.80
N PRO A 118 26.71 -8.62 -0.01
CA PRO A 118 26.54 -8.50 1.43
C PRO A 118 27.54 -7.53 2.04
N GLU A 119 27.20 -6.98 3.20
CA GLU A 119 28.06 -5.95 3.81
C GLU A 119 29.21 -6.57 4.64
N ASN A 120 29.02 -7.81 5.11
CA ASN A 120 30.07 -8.57 5.81
C ASN A 120 30.51 -9.81 4.99
N GLY A 121 31.12 -10.79 5.64
CA GLY A 121 31.67 -11.98 4.98
C GLY A 121 30.74 -13.16 4.79
N TYR A 122 29.48 -13.03 5.21
CA TYR A 122 28.56 -14.13 4.98
C TYR A 122 28.27 -14.24 3.49
N LEU A 123 28.24 -15.47 3.04
CA LEU A 123 27.99 -15.83 1.67
C LEU A 123 29.03 -15.28 0.69
N SER A 124 30.26 -15.15 1.17
CA SER A 124 31.31 -14.60 0.32
C SER A 124 31.62 -15.46 -0.89
N SER A 125 31.33 -16.75 -0.83
CA SER A 125 31.58 -17.62 -1.97
C SER A 125 30.65 -17.44 -3.18
N TRP A 126 29.48 -16.84 -2.95
CA TRP A 126 28.50 -16.66 -4.01
C TRP A 126 28.99 -15.56 -4.95
N LYS A 127 28.51 -15.59 -6.19
CA LYS A 127 28.88 -14.57 -7.19
C LYS A 127 27.87 -13.43 -7.15
N TRP A 128 28.30 -12.34 -6.51
CA TRP A 128 27.46 -11.18 -6.25
C TRP A 128 27.57 -10.15 -7.38
N ASP A 129 27.00 -8.96 -7.17
CA ASP A 129 27.20 -7.82 -8.07
C ASP A 129 26.76 -8.11 -9.49
N TYR A 130 25.48 -8.49 -9.63
CA TYR A 130 24.87 -8.58 -10.95
C TYR A 130 25.16 -7.26 -11.69
N PRO A 131 25.71 -7.34 -12.91
CA PRO A 131 26.22 -6.11 -13.53
C PRO A 131 25.14 -5.15 -13.99
N LYS A 132 25.50 -3.86 -14.08
CA LYS A 132 24.61 -2.84 -14.64
C LYS A 132 24.38 -3.05 -16.11
N GLU A 133 23.34 -2.39 -16.62
N GLU A 133 23.34 -2.39 -16.62
CA GLU A 133 22.97 -2.41 -18.04
CA GLU A 133 22.99 -2.40 -18.04
C GLU A 133 22.76 -3.81 -18.58
C GLU A 133 22.74 -3.81 -18.59
N SER A 134 22.25 -4.70 -17.73
CA SER A 134 22.10 -6.13 -18.06
C SER A 134 20.72 -6.67 -17.69
N GLY A 135 19.73 -5.79 -17.65
CA GLY A 135 18.40 -6.21 -17.28
C GLY A 135 17.58 -5.07 -16.75
N MET A 136 16.27 -5.30 -16.72
CA MET A 136 15.30 -4.29 -16.33
C MET A 136 14.31 -4.85 -15.33
N TYR A 137 13.80 -3.96 -14.50
CA TYR A 137 12.67 -4.25 -13.62
C TYR A 137 11.45 -3.50 -14.12
N TYR A 138 10.30 -4.16 -14.05
CA TYR A 138 9.01 -3.62 -14.48
C TYR A 138 7.99 -3.82 -13.38
N ALA A 139 7.08 -2.86 -13.18
CA ALA A 139 6.01 -3.07 -12.18
C ALA A 139 4.69 -2.50 -12.63
N LEU A 140 3.65 -3.32 -12.51
CA LEU A 140 2.28 -2.85 -12.64
C LEU A 140 1.46 -3.66 -11.64
N TYR A 141 1.44 -3.13 -10.42
CA TYR A 141 0.94 -3.83 -9.25
C TYR A 141 -0.42 -4.46 -9.55
N PRO A 142 -0.65 -5.74 -9.22
CA PRO A 142 0.16 -6.58 -8.31
C PRO A 142 1.29 -7.37 -8.96
N ASN A 143 1.50 -7.17 -10.27
CA ASN A 143 2.55 -7.84 -11.00
C ASN A 143 3.84 -7.02 -11.03
N SER A 144 4.96 -7.71 -11.01
CA SER A 144 6.23 -7.12 -11.37
C SER A 144 7.07 -8.13 -12.12
N TRP A 145 8.10 -7.65 -12.80
CA TRP A 145 8.92 -8.49 -13.66
C TRP A 145 10.37 -8.09 -13.58
N TYR A 146 11.25 -9.06 -13.83
CA TYR A 146 12.65 -8.78 -14.11
C TYR A 146 13.02 -9.46 -15.42
N THR A 147 13.80 -8.76 -16.24
CA THR A 147 14.44 -9.38 -17.42
C THR A 147 15.95 -9.33 -17.24
N TYR A 148 16.62 -10.38 -17.74
CA TYR A 148 18.06 -10.52 -17.60
C TYR A 148 18.66 -10.71 -18.97
N THR A 149 19.41 -9.71 -19.39
CA THR A 149 19.92 -9.60 -20.76
C THR A 149 21.40 -9.26 -20.62
N ASN A 150 22.21 -10.31 -20.49
CA ASN A 150 23.56 -10.23 -20.02
C ASN A 150 24.47 -10.89 -21.05
N LYS A 151 25.53 -10.19 -21.43
CA LYS A 151 26.49 -10.70 -22.42
C LYS A 151 27.13 -12.06 -22.05
N ASP A 152 27.25 -12.34 -20.76
CA ASP A 152 27.75 -13.63 -20.25
C ASP A 152 26.68 -14.70 -19.97
N LEU A 153 25.42 -14.42 -20.28
CA LEU A 153 24.35 -15.38 -20.11
C LEU A 153 23.67 -15.55 -21.46
N PRO A 154 24.13 -16.51 -22.26
CA PRO A 154 23.54 -16.67 -23.60
C PRO A 154 22.04 -16.94 -23.62
N VAL A 155 21.52 -17.63 -22.60
CA VAL A 155 20.08 -17.84 -22.51
C VAL A 155 19.53 -16.64 -21.77
N GLN A 156 18.56 -15.97 -22.37
N GLN A 156 18.54 -15.98 -22.36
CA GLN A 156 17.92 -14.82 -21.72
CA GLN A 156 17.91 -14.85 -21.71
C GLN A 156 16.76 -15.32 -20.85
C GLN A 156 16.78 -15.34 -20.84
N LEU A 157 16.57 -14.66 -19.71
CA LEU A 157 15.60 -15.08 -18.71
C LEU A 157 14.73 -13.90 -18.32
N ALA A 158 13.52 -14.21 -17.90
CA ALA A 158 12.62 -13.23 -17.31
C ALA A 158 11.80 -13.94 -16.25
N VAL A 159 11.33 -13.16 -15.28
CA VAL A 159 10.42 -13.67 -14.27
C VAL A 159 9.27 -12.69 -14.10
N LYS A 160 8.09 -13.24 -13.93
CA LYS A 160 6.89 -12.49 -13.56
C LYS A 160 6.56 -12.92 -12.15
N GLN A 161 6.48 -11.96 -11.24
CA GLN A 161 6.21 -12.28 -9.85
C GLN A 161 4.98 -11.53 -9.40
N PHE A 162 4.18 -12.17 -8.56
CA PHE A 162 2.94 -11.55 -8.11
C PHE A 162 2.35 -12.33 -6.94
N SER A 163 1.40 -11.66 -6.28
CA SER A 163 0.46 -12.29 -5.36
C SER A 163 -0.94 -12.08 -5.93
N PRO A 164 -1.88 -12.97 -5.59
CA PRO A 164 -3.25 -12.89 -6.15
C PRO A 164 -4.14 -11.84 -5.48
N ILE A 165 -3.83 -10.57 -5.76
CA ILE A 165 -4.59 -9.43 -5.27
C ILE A 165 -5.70 -9.16 -6.27
N ILE A 166 -6.94 -9.47 -5.88
CA ILE A 166 -8.05 -9.54 -6.85
C ILE A 166 -9.27 -8.81 -6.27
N PRO A 167 -9.73 -7.74 -6.92
CA PRO A 167 -10.95 -7.08 -6.50
C PRO A 167 -12.13 -8.00 -6.37
N TYR A 168 -12.94 -7.75 -5.34
CA TYR A 168 -14.19 -8.48 -5.05
C TYR A 168 -13.90 -9.90 -4.61
N ASN A 169 -12.64 -10.18 -4.27
CA ASN A 169 -12.16 -11.46 -3.80
C ASN A 169 -11.49 -11.20 -2.45
N TYR A 170 -12.01 -11.86 -1.43
CA TYR A 170 -11.55 -11.71 -0.04
C TYR A 170 -10.82 -12.95 0.45
N LYS A 171 -10.49 -13.87 -0.47
CA LYS A 171 -9.91 -15.15 -0.13
C LYS A 171 -8.46 -15.16 -0.59
N GLU A 172 -8.21 -15.42 -1.86
CA GLU A 172 -6.85 -15.39 -2.41
C GLU A 172 -6.16 -14.04 -2.11
N THR A 173 -6.90 -12.95 -2.09
CA THR A 173 -6.36 -11.63 -1.79
C THR A 173 -5.70 -11.58 -0.40
N SER A 174 -6.09 -12.45 0.52
CA SER A 174 -5.48 -12.54 1.85
C SER A 174 -4.23 -13.41 1.95
N TYR A 175 -3.86 -14.13 0.88
CA TYR A 175 -2.89 -15.21 1.04
C TYR A 175 -1.46 -14.69 1.24
N PRO A 176 -0.69 -15.34 2.12
CA PRO A 176 0.73 -15.02 2.31
C PRO A 176 1.55 -15.85 1.33
N VAL A 177 1.50 -15.46 0.07
CA VAL A 177 2.11 -16.24 -0.99
C VAL A 177 2.54 -15.38 -2.15
N ALA A 178 3.56 -15.84 -2.86
CA ALA A 178 4.05 -15.18 -4.07
C ALA A 178 4.41 -16.27 -5.09
N VAL A 179 4.15 -15.97 -6.35
CA VAL A 179 4.53 -16.84 -7.45
C VAL A 179 5.62 -16.15 -8.26
N PHE A 180 6.58 -16.94 -8.75
CA PHE A 180 7.66 -16.48 -9.61
C PHE A 180 7.65 -17.35 -10.85
N LYS A 181 7.05 -16.83 -11.92
CA LYS A 181 6.90 -17.54 -13.19
C LYS A 181 8.03 -17.16 -14.10
N TRP A 182 8.96 -18.11 -14.30
CA TRP A 182 10.16 -17.90 -15.09
C TRP A 182 9.94 -18.30 -16.56
N THR A 183 10.54 -17.52 -17.45
CA THR A 183 10.59 -17.81 -18.89
C THR A 183 12.07 -17.75 -19.29
N ALA A 184 12.55 -18.80 -19.97
CA ALA A 184 13.91 -18.88 -20.46
C ALA A 184 13.88 -19.12 -21.97
N TYR A 185 14.71 -18.37 -22.71
CA TYR A 185 14.75 -18.46 -24.18
C TYR A 185 16.20 -18.47 -24.66
N ASN A 186 16.49 -19.37 -25.61
CA ASN A 186 17.83 -19.47 -26.19
C ASN A 186 17.84 -18.87 -27.61
N PRO A 187 18.34 -17.63 -27.76
CA PRO A 187 18.42 -17.01 -29.07
C PRO A 187 19.68 -17.43 -29.86
N THR A 188 20.56 -18.22 -29.27
CA THR A 188 21.86 -18.55 -29.87
C THR A 188 21.77 -19.82 -30.70
N ASN A 189 22.87 -20.15 -31.37
CA ASN A 189 22.98 -21.32 -32.23
C ASN A 189 23.63 -22.55 -31.57
N LYS A 190 23.69 -22.58 -30.23
CA LYS A 190 24.22 -23.73 -29.52
C LYS A 190 23.29 -24.13 -28.38
N ASN A 191 23.32 -25.41 -28.02
CA ASN A 191 22.63 -25.91 -26.83
C ASN A 191 23.26 -25.27 -25.60
N VAL A 192 22.41 -24.90 -24.64
CA VAL A 192 22.85 -24.30 -23.37
C VAL A 192 22.15 -25.01 -22.22
N ASP A 193 22.94 -25.49 -21.26
CA ASP A 193 22.43 -26.02 -20.00
C ASP A 193 22.20 -24.83 -19.06
N VAL A 194 21.02 -24.80 -18.45
CA VAL A 194 20.60 -23.69 -17.60
C VAL A 194 20.07 -24.22 -16.28
N SER A 195 20.43 -23.56 -15.18
N SER A 195 20.41 -23.55 -15.18
CA SER A 195 19.77 -23.79 -13.90
CA SER A 195 19.79 -23.82 -13.89
C SER A 195 19.29 -22.48 -13.32
C SER A 195 19.35 -22.51 -13.24
N ILE A 196 18.17 -22.57 -12.60
CA ILE A 196 17.62 -21.45 -11.84
C ILE A 196 17.44 -21.99 -10.43
N MET A 197 18.00 -21.27 -9.45
CA MET A 197 17.97 -21.69 -8.04
C MET A 197 17.35 -20.61 -7.18
N PHE A 198 16.37 -20.99 -6.37
CA PHE A 198 15.78 -20.13 -5.34
C PHE A 198 16.39 -20.55 -4.01
N THR A 199 16.99 -19.59 -3.32
CA THR A 199 17.50 -19.76 -1.95
C THR A 199 16.67 -18.91 -1.00
N TRP A 200 16.45 -19.43 0.20
CA TRP A 200 15.69 -18.72 1.22
C TRP A 200 16.24 -19.08 2.60
N GLN A 201 16.42 -18.06 3.43
CA GLN A 201 16.80 -18.27 4.83
C GLN A 201 15.59 -18.72 5.65
N ASN A 202 15.81 -19.67 6.56
CA ASN A 202 14.79 -19.99 7.54
C ASN A 202 14.72 -18.79 8.48
N MET A 203 13.71 -17.95 8.26
CA MET A 203 13.58 -16.68 8.94
C MET A 203 12.76 -16.74 10.21
N ILE A 204 12.43 -17.94 10.70
CA ILE A 204 11.78 -17.99 12.00
C ILE A 204 12.75 -17.41 13.04
N GLY A 205 12.25 -16.45 13.83
CA GLY A 205 13.06 -15.68 14.76
C GLY A 205 13.56 -14.35 14.24
N PHE A 206 13.32 -14.03 12.98
CA PHE A 206 13.69 -12.72 12.41
C PHE A 206 13.04 -11.59 13.18
N PHE A 207 11.83 -11.83 13.66
CA PHE A 207 11.16 -10.92 14.58
C PHE A 207 10.36 -11.70 15.60
N GLY A 208 10.04 -11.04 16.71
CA GLY A 208 9.09 -11.55 17.68
C GLY A 208 9.65 -12.49 18.74
N LYS A 209 10.92 -12.85 18.62
CA LYS A 209 11.54 -13.81 19.52
C LYS A 209 12.61 -13.05 20.31
N GLN A 210 12.52 -13.10 21.64
N GLN A 210 12.53 -13.00 21.64
CA GLN A 210 13.33 -12.27 22.54
CA GLN A 210 13.49 -12.17 22.40
C GLN A 210 14.74 -12.81 22.83
C GLN A 210 14.86 -12.80 22.54
N VAL A 211 14.93 -14.12 22.68
CA VAL A 211 16.22 -14.78 22.88
C VAL A 211 16.37 -15.93 21.88
N ASN A 212 17.58 -16.41 21.70
CA ASN A 212 17.85 -17.66 20.96
C ASN A 212 17.16 -17.65 19.59
N VAL A 213 17.48 -16.63 18.80
CA VAL A 213 16.68 -16.33 17.61
C VAL A 213 16.65 -17.41 16.53
N ASN A 214 17.70 -18.21 16.39
CA ASN A 214 17.70 -19.35 15.43
C ASN A 214 17.40 -20.69 16.07
N SER A 215 17.42 -20.77 17.40
CA SER A 215 17.39 -22.06 18.08
C SER A 215 16.15 -22.87 17.75
N GLY A 216 16.37 -24.11 17.31
CA GLY A 216 15.27 -25.01 16.99
C GLY A 216 14.79 -24.92 15.55
N ASN A 217 15.33 -23.99 14.76
CA ASN A 217 14.94 -23.89 13.37
C ASN A 217 15.41 -25.14 12.66
N PHE A 218 14.58 -25.67 11.77
CA PHE A 218 14.96 -26.82 10.96
C PHE A 218 14.23 -26.79 9.64
N ASN A 219 14.79 -27.48 8.66
CA ASN A 219 14.30 -27.48 7.30
C ASN A 219 13.95 -28.90 6.86
N LYS A 220 12.82 -29.05 6.20
CA LYS A 220 12.42 -30.35 5.65
C LYS A 220 12.02 -30.20 4.19
N ILE A 221 12.16 -31.27 3.43
CA ILE A 221 11.85 -31.29 2.02
C ILE A 221 10.59 -32.12 1.82
N ILE A 222 9.65 -31.58 1.06
CA ILE A 222 8.39 -32.25 0.72
C ILE A 222 8.41 -32.52 -0.79
N LYS A 223 8.17 -33.76 -1.16
CA LYS A 223 8.02 -34.17 -2.55
C LYS A 223 6.60 -34.65 -2.73
N ASP A 224 5.81 -33.89 -3.49
CA ASP A 224 4.42 -34.21 -3.73
C ASP A 224 4.33 -34.65 -5.17
N LYS A 225 4.20 -35.94 -5.38
CA LYS A 225 4.13 -36.51 -6.73
C LYS A 225 2.75 -37.05 -6.91
N SER A 226 2.08 -36.61 -7.96
CA SER A 226 0.84 -37.23 -8.42
C SER A 226 0.88 -37.20 -9.95
N LYS A 227 -0.19 -37.63 -10.60
CA LYS A 227 -0.21 -37.64 -12.07
C LYS A 227 -0.11 -36.20 -12.62
N ASP A 228 0.92 -35.96 -13.44
CA ASP A 228 1.17 -34.65 -14.09
C ASP A 228 1.36 -33.48 -13.14
N SER A 229 1.79 -33.79 -11.92
CA SER A 229 2.04 -32.78 -10.93
C SER A 229 3.15 -33.33 -10.05
N GLU A 230 4.31 -32.71 -10.12
CA GLU A 230 5.34 -32.97 -9.16
C GLU A 230 5.73 -31.62 -8.60
N ILE A 231 5.62 -31.49 -7.27
CA ILE A 231 6.09 -30.31 -6.56
C ILE A 231 7.19 -30.75 -5.59
N VAL A 232 8.28 -30.01 -5.57
CA VAL A 232 9.33 -30.19 -4.58
C VAL A 232 9.44 -28.88 -3.82
N ALA A 233 9.40 -28.96 -2.50
CA ALA A 233 9.42 -27.75 -1.66
C ALA A 233 10.26 -27.94 -0.41
N ALA A 234 10.82 -26.85 0.10
CA ALA A 234 11.46 -26.81 1.40
C ALA A 234 10.52 -26.12 2.35
N VAL A 235 10.31 -26.70 3.53
CA VAL A 235 9.53 -26.07 4.60
C VAL A 235 10.51 -25.79 5.72
N MET A 236 10.61 -24.50 6.05
CA MET A 236 11.58 -23.95 7.00
C MET A 236 10.82 -23.50 8.23
N GLY A 237 10.93 -24.27 9.29
CA GLY A 237 10.12 -24.07 10.48
C GLY A 237 10.94 -24.19 11.74
N ASN A 238 10.27 -24.55 12.84
CA ASN A 238 10.94 -24.67 14.13
C ASN A 238 10.35 -25.88 14.85
N ILE A 239 11.18 -26.55 15.66
CA ILE A 239 10.71 -27.75 16.37
C ILE A 239 9.61 -27.46 17.36
N SER A 240 9.52 -26.23 17.83
CA SER A 240 8.47 -25.86 18.74
C SER A 240 7.08 -25.88 18.09
N ASN A 241 6.10 -26.43 18.82
CA ASN A 241 4.70 -26.38 18.41
C ASN A 241 3.94 -25.22 19.07
N ASP A 242 4.65 -24.33 19.76
CA ASP A 242 4.05 -23.16 20.40
C ASP A 242 3.33 -22.26 19.42
N ASN A 243 2.23 -21.69 19.89
CA ASN A 243 1.41 -20.77 19.11
C ASN A 243 1.75 -19.35 19.51
N GLU A 244 2.70 -18.74 18.80
CA GLU A 244 3.22 -17.40 19.13
C GLU A 244 3.49 -16.62 17.84
N GLU A 245 3.54 -15.29 17.95
CA GLU A 245 3.78 -14.40 16.79
C GLU A 245 5.00 -14.80 15.99
N TRP A 246 6.05 -15.25 16.69
CA TRP A 246 7.31 -15.57 16.03
C TRP A 246 7.30 -16.89 15.28
N ASN A 247 6.42 -17.83 15.66
CA ASN A 247 6.51 -19.21 15.18
C ASN A 247 5.60 -19.43 13.98
N GLY A 248 6.06 -20.33 13.12
CA GLY A 248 5.34 -20.63 11.90
C GLY A 248 6.30 -21.29 10.94
N GLU A 249 6.07 -21.07 9.66
CA GLU A 249 6.89 -21.70 8.61
C GLU A 249 7.01 -20.78 7.43
N TYR A 250 8.15 -20.82 6.76
CA TYR A 250 8.31 -20.36 5.38
C TYR A 250 8.46 -21.58 4.45
N SER A 251 8.00 -21.45 3.22
CA SER A 251 8.23 -22.49 2.22
C SER A 251 8.62 -21.88 0.88
N ILE A 252 9.59 -22.50 0.21
CA ILE A 252 9.87 -22.23 -1.20
C ILE A 252 9.78 -23.53 -1.98
N GLY A 253 9.45 -23.45 -3.25
CA GLY A 253 9.32 -24.67 -4.03
C GLY A 253 9.09 -24.40 -5.48
N VAL A 254 8.99 -25.49 -6.23
CA VAL A 254 8.89 -25.45 -7.68
C VAL A 254 7.98 -26.59 -8.16
N LYS A 255 7.32 -26.37 -9.29
CA LYS A 255 6.52 -27.40 -9.94
C LYS A 255 7.28 -27.89 -11.17
N LYS A 256 7.39 -29.21 -11.30
CA LYS A 256 8.04 -29.78 -12.44
C LYS A 256 7.25 -29.47 -13.72
N VAL A 257 7.98 -29.18 -14.79
CA VAL A 257 7.39 -29.05 -16.12
C VAL A 257 8.19 -29.96 -17.05
N PRO A 258 7.62 -30.29 -18.21
CA PRO A 258 8.40 -31.12 -19.13
C PRO A 258 9.73 -30.49 -19.54
N GLY A 259 10.78 -31.31 -19.53
CA GLY A 259 12.10 -30.88 -19.92
C GLY A 259 12.98 -30.34 -18.80
N VAL A 260 12.49 -30.26 -17.57
CA VAL A 260 13.31 -29.77 -16.45
C VAL A 260 13.45 -30.85 -15.39
N ASP A 261 14.59 -30.86 -14.73
CA ASP A 261 14.82 -31.69 -13.57
C ASP A 261 14.94 -30.79 -12.36
N ILE A 262 14.58 -31.33 -11.20
CA ILE A 262 14.60 -30.58 -9.94
C ILE A 262 15.71 -31.13 -9.06
N SER A 263 16.47 -30.25 -8.43
CA SER A 263 17.35 -30.63 -7.35
C SER A 263 17.16 -29.70 -6.17
N TYR A 264 17.67 -30.08 -5.02
CA TYR A 264 17.47 -29.29 -3.81
C TYR A 264 18.61 -29.48 -2.83
N LYS A 265 18.69 -28.57 -1.87
CA LYS A 265 19.54 -28.77 -0.69
C LYS A 265 18.77 -28.29 0.50
N ALA A 266 18.51 -29.18 1.45
CA ALA A 266 17.68 -28.84 2.59
C ALA A 266 18.28 -27.82 3.53
N LYS A 267 19.60 -27.89 3.73
CA LYS A 267 20.26 -27.13 4.78
C LYS A 267 21.60 -26.60 4.33
N PHE A 268 21.66 -25.29 4.16
CA PHE A 268 22.94 -24.59 4.08
C PHE A 268 23.01 -23.54 5.17
N VAL A 269 24.23 -23.17 5.56
CA VAL A 269 24.43 -22.24 6.66
C VAL A 269 24.47 -20.82 6.09
N THR A 270 23.54 -19.99 6.53
CA THR A 270 23.51 -18.59 6.07
C THR A 270 24.51 -17.72 6.81
N THR A 271 24.87 -18.10 8.03
CA THR A 271 25.90 -17.37 8.80
C THR A 271 27.25 -18.07 8.60
N GLY A 272 27.64 -18.22 7.34
CA GLY A 272 28.89 -18.83 6.90
C GLY A 272 29.14 -18.34 5.48
N ASP A 273 30.14 -18.91 4.80
CA ASP A 273 30.54 -18.36 3.51
C ASP A 273 29.71 -18.87 2.35
N GLY A 274 28.74 -19.76 2.63
CA GLY A 274 27.83 -20.23 1.61
C GLY A 274 28.34 -21.26 0.62
N SER A 275 29.59 -21.72 0.82
CA SER A 275 30.22 -22.60 -0.16
C SER A 275 29.67 -24.02 -0.09
N ASP A 276 29.10 -24.38 1.07
CA ASP A 276 28.34 -25.63 1.19
C ASP A 276 27.29 -25.79 0.09
N LEU A 277 26.63 -24.69 -0.25
CA LEU A 277 25.73 -24.67 -1.39
C LEU A 277 26.43 -24.33 -2.71
N TRP A 278 27.22 -23.27 -2.71
CA TRP A 278 27.69 -22.68 -3.97
C TRP A 278 28.67 -23.58 -4.73
N HIS A 279 29.46 -24.39 -4.02
N HIS A 279 29.48 -24.36 -4.01
CA HIS A 279 30.37 -25.32 -4.71
CA HIS A 279 30.37 -25.33 -4.68
C HIS A 279 29.63 -26.36 -5.55
C HIS A 279 29.58 -26.24 -5.61
N GLU A 280 28.37 -26.64 -5.18
CA GLU A 280 27.51 -27.52 -5.95
C GLU A 280 26.89 -26.79 -7.16
N PHE A 281 26.27 -25.64 -6.87
CA PHE A 281 25.55 -24.90 -7.90
C PHE A 281 26.49 -24.38 -8.99
N SER A 282 27.67 -23.89 -8.59
CA SER A 282 28.59 -23.30 -9.56
C SER A 282 29.28 -24.35 -10.45
N LYS A 283 29.30 -25.62 -10.06
CA LYS A 283 29.93 -26.67 -10.90
C LYS A 283 29.09 -27.01 -12.12
N ASN A 284 27.83 -27.41 -11.88
CA ASN A 284 26.95 -27.85 -12.95
C ASN A 284 25.47 -27.45 -12.78
N GLY A 285 25.21 -26.53 -11.84
CA GLY A 285 23.84 -26.11 -11.56
C GLY A 285 22.92 -27.16 -10.96
N ILE A 286 23.50 -28.17 -10.32
CA ILE A 286 22.73 -29.29 -9.77
C ILE A 286 23.13 -29.44 -8.31
N LEU A 287 22.14 -29.48 -7.44
CA LEU A 287 22.39 -29.55 -5.99
C LEU A 287 22.43 -31.01 -5.54
N ASP A 288 22.84 -31.19 -4.28
CA ASP A 288 23.15 -32.53 -3.73
C ASP A 288 21.93 -33.37 -3.37
N ASN A 289 20.72 -32.82 -3.39
CA ASN A 289 19.51 -33.50 -2.91
C ASN A 289 19.70 -34.03 -1.47
N LYS A 290 20.42 -33.30 -0.65
CA LYS A 290 20.71 -33.74 0.71
C LYS A 290 19.63 -33.24 1.65
N ASP A 291 18.82 -34.16 2.13
CA ASP A 291 17.90 -33.90 3.22
C ASP A 291 18.65 -33.86 4.53
N ASP A 292 18.20 -33.03 5.46
CA ASP A 292 18.83 -32.91 6.76
C ASP A 292 17.92 -32.11 7.64
N GLU A 293 17.20 -32.79 8.53
CA GLU A 293 16.27 -32.13 9.44
C GLU A 293 16.90 -31.73 10.77
N THR A 294 18.24 -31.78 10.87
CA THR A 294 18.89 -31.43 12.14
C THR A 294 18.57 -29.97 12.51
N PRO A 295 17.98 -29.73 13.68
CA PRO A 295 17.75 -28.34 14.06
C PRO A 295 19.04 -27.61 14.35
N THR A 296 19.03 -26.31 14.09
CA THR A 296 20.18 -25.46 14.40
C THR A 296 20.12 -24.93 15.82
N LYS A 297 21.27 -24.48 16.30
CA LYS A 297 21.40 -23.87 17.62
C LYS A 297 21.58 -22.37 17.39
N GLN A 298 22.79 -21.93 17.06
CA GLN A 298 23.07 -20.51 16.84
C GLN A 298 23.17 -20.13 15.37
N ASP A 299 23.63 -21.03 14.51
CA ASP A 299 23.78 -20.73 13.08
C ASP A 299 22.45 -20.44 12.41
N GLY A 300 22.46 -19.46 11.52
CA GLY A 300 21.34 -19.30 10.58
C GLY A 300 21.42 -20.36 9.51
N ILE A 301 20.26 -20.85 9.10
CA ILE A 301 20.16 -21.88 8.07
C ILE A 301 19.18 -21.48 6.98
N GLY A 302 19.31 -22.13 5.85
CA GLY A 302 18.46 -21.87 4.71
C GLY A 302 18.32 -23.10 3.84
N SER A 303 17.44 -23.02 2.86
CA SER A 303 17.18 -24.08 1.90
C SER A 303 17.30 -23.57 0.48
N ALA A 304 17.47 -24.49 -0.45
CA ALA A 304 17.63 -24.17 -1.86
C ALA A 304 16.86 -25.15 -2.72
N ILE A 305 16.15 -24.63 -3.72
CA ILE A 305 15.39 -25.40 -4.69
C ILE A 305 15.86 -24.97 -6.06
N ALA A 306 16.27 -25.91 -6.91
CA ALA A 306 16.78 -25.59 -8.25
C ALA A 306 16.12 -26.42 -9.34
N VAL A 307 16.09 -25.86 -10.54
CA VAL A 307 15.74 -26.62 -11.72
C VAL A 307 16.88 -26.51 -12.70
N ASN A 308 17.12 -27.59 -13.44
CA ASN A 308 18.13 -27.63 -14.49
C ASN A 308 17.48 -28.17 -15.76
N PHE A 309 17.88 -27.59 -16.88
CA PHE A 309 17.32 -27.95 -18.17
C PHE A 309 18.26 -27.56 -19.29
N LYS A 310 18.11 -28.23 -20.43
CA LYS A 310 18.90 -27.95 -21.63
C LYS A 310 17.99 -27.21 -22.59
N LEU A 311 18.42 -26.04 -23.07
CA LEU A 311 17.67 -25.33 -24.10
C LEU A 311 18.38 -25.45 -25.42
N GLN A 312 17.66 -25.96 -26.42
CA GLN A 312 18.16 -25.98 -27.79
C GLN A 312 17.97 -24.58 -28.41
N PRO A 313 18.67 -24.30 -29.52
CA PRO A 313 18.48 -23.04 -30.24
C PRO A 313 17.00 -22.76 -30.53
N GLY A 314 16.55 -21.56 -30.18
CA GLY A 314 15.18 -21.15 -30.40
C GLY A 314 14.13 -21.67 -29.42
N GLN A 315 14.54 -22.41 -28.40
CA GLN A 315 13.60 -23.07 -27.49
C GLN A 315 13.27 -22.14 -26.33
N THR A 316 12.00 -22.19 -25.91
CA THR A 316 11.49 -21.47 -24.73
C THR A 316 10.98 -22.47 -23.71
N ILE A 317 11.19 -22.17 -22.43
CA ILE A 317 10.60 -22.98 -21.38
C ILE A 317 10.10 -22.05 -20.27
N GLU A 318 9.00 -22.46 -19.66
CA GLU A 318 8.38 -21.74 -18.55
C GLU A 318 8.34 -22.64 -17.34
N VAL A 319 8.73 -22.13 -16.17
N VAL A 319 8.78 -22.12 -16.19
CA VAL A 319 8.71 -22.94 -14.96
CA VAL A 319 8.83 -22.89 -14.93
C VAL A 319 8.39 -22.07 -13.76
C VAL A 319 8.35 -22.00 -13.77
N PRO A 320 7.39 -22.48 -12.95
CA PRO A 320 6.95 -21.68 -11.80
C PRO A 320 7.57 -22.11 -10.48
N PHE A 321 8.07 -21.13 -9.74
CA PHE A 321 8.44 -21.27 -8.34
C PHE A 321 7.43 -20.51 -7.46
N ALA A 322 7.43 -20.79 -6.17
CA ALA A 322 6.57 -20.06 -5.24
C ALA A 322 7.27 -19.91 -3.90
N LEU A 323 6.74 -18.96 -3.12
CA LEU A 323 7.14 -18.67 -1.75
C LEU A 323 5.89 -18.50 -0.92
N SER A 324 5.83 -19.13 0.25
CA SER A 324 4.73 -18.90 1.18
C SER A 324 5.28 -18.68 2.58
N TRP A 325 4.47 -18.03 3.41
CA TRP A 325 4.84 -17.81 4.81
C TRP A 325 3.63 -17.96 5.69
N ASP A 326 3.64 -18.95 6.56
CA ASP A 326 2.55 -19.21 7.48
C ASP A 326 2.99 -18.74 8.84
N LEU A 327 2.64 -17.50 9.14
CA LEU A 327 2.93 -16.86 10.44
C LEU A 327 1.56 -16.43 10.94
N PRO A 328 0.83 -17.34 11.60
CA PRO A 328 -0.61 -17.12 11.77
C PRO A 328 -1.02 -16.02 12.74
N ILE A 329 -0.12 -15.67 13.66
CA ILE A 329 -0.44 -14.76 14.76
C ILE A 329 0.26 -13.43 14.60
N MET A 330 -0.51 -12.36 14.69
CA MET A 330 0.05 -11.00 14.78
C MET A 330 -0.11 -10.54 16.21
N LYS A 331 0.93 -9.92 16.75
CA LYS A 331 0.87 -9.34 18.07
C LYS A 331 1.10 -7.85 17.97
N PHE A 332 0.30 -7.09 18.72
CA PHE A 332 0.46 -5.64 18.79
C PHE A 332 1.10 -5.26 20.12
N GLY A 333 1.69 -4.07 20.17
CA GLY A 333 2.51 -3.69 21.34
C GLY A 333 1.75 -3.59 22.64
N GLY A 334 0.43 -3.38 22.59
CA GLY A 334 -0.37 -3.41 23.79
C GLY A 334 -0.68 -4.78 24.31
N GLY A 335 -0.27 -5.82 23.60
CA GLY A 335 -0.34 -7.19 24.10
C GLY A 335 -1.29 -8.12 23.38
N ASP A 336 -2.23 -7.55 22.63
CA ASP A 336 -3.24 -8.39 21.95
C ASP A 336 -2.61 -9.20 20.83
N LYS A 337 -3.05 -10.44 20.73
CA LYS A 337 -2.65 -11.37 19.69
C LYS A 337 -3.89 -11.78 18.91
N TRP A 338 -3.78 -11.72 17.58
CA TRP A 338 -4.88 -12.03 16.66
C TRP A 338 -4.41 -12.98 15.60
N TYR A 339 -5.32 -13.81 15.09
CA TYR A 339 -5.04 -14.60 13.90
C TYR A 339 -5.20 -13.73 12.66
N LYS A 340 -4.34 -13.95 11.67
CA LYS A 340 -4.45 -13.25 10.39
C LYS A 340 -5.54 -13.88 9.51
N MET A 341 -6.08 -13.08 8.61
CA MET A 341 -7.24 -13.46 7.82
C MET A 341 -7.07 -14.79 7.09
N TYR A 342 -5.91 -15.01 6.47
CA TYR A 342 -5.75 -16.21 5.64
C TYR A 342 -5.92 -17.50 6.41
N THR A 343 -5.80 -17.44 7.74
CA THR A 343 -5.97 -18.66 8.56
C THR A 343 -7.37 -19.23 8.43
N LYS A 344 -8.35 -18.44 7.99
CA LYS A 344 -9.67 -18.96 7.68
C LYS A 344 -9.59 -20.08 6.66
N TYR A 345 -8.65 -19.98 5.73
CA TYR A 345 -8.58 -20.86 4.57
C TYR A 345 -7.57 -21.99 4.74
N PHE A 346 -6.58 -21.82 5.61
CA PHE A 346 -5.51 -22.79 5.78
C PHE A 346 -5.28 -23.34 7.17
N GLY A 347 -5.96 -22.79 8.19
CA GLY A 347 -5.73 -23.20 9.56
C GLY A 347 -4.88 -22.22 10.33
N LYS A 348 -4.86 -22.43 11.64
CA LYS A 348 -4.26 -21.52 12.61
C LYS A 348 -2.99 -22.03 13.29
N ASN A 349 -2.60 -23.30 13.06
CA ASN A 349 -1.50 -23.89 13.83
C ASN A 349 -0.08 -23.55 13.37
N GLY A 350 0.05 -22.81 12.29
CA GLY A 350 1.36 -22.39 11.81
C GLY A 350 2.18 -23.50 11.16
N LYS A 351 1.56 -24.60 10.75
CA LYS A 351 2.28 -25.71 10.12
C LYS A 351 1.69 -25.97 8.74
N ASN A 352 1.33 -24.90 8.04
CA ASN A 352 0.54 -25.02 6.78
C ASN A 352 1.19 -24.34 5.59
N SER A 353 2.48 -24.04 5.66
CA SER A 353 3.12 -23.35 4.55
C SER A 353 3.13 -24.15 3.25
N PHE A 354 3.30 -25.47 3.34
CA PHE A 354 3.28 -26.28 2.13
C PHE A 354 1.90 -26.22 1.44
N ALA A 355 0.81 -26.33 2.22
CA ALA A 355 -0.52 -26.23 1.62
C ALA A 355 -0.71 -24.94 0.86
N ILE A 356 -0.20 -23.84 1.40
CA ILE A 356 -0.37 -22.54 0.75
C ILE A 356 0.45 -22.52 -0.54
N LEU A 357 1.68 -23.01 -0.47
CA LEU A 357 2.56 -23.07 -1.63
C LEU A 357 1.97 -23.92 -2.74
N LYS A 358 1.45 -25.09 -2.37
CA LYS A 358 0.87 -26.01 -3.35
C LYS A 358 -0.33 -25.39 -4.04
N GLU A 359 -1.19 -24.70 -3.30
CA GLU A 359 -2.33 -24.00 -3.88
CA GLU A 359 -2.32 -24.03 -3.91
C GLU A 359 -1.86 -23.02 -4.95
N ALA A 360 -0.79 -22.27 -4.66
CA ALA A 360 -0.26 -21.32 -5.60
C ALA A 360 0.33 -21.99 -6.83
N LEU A 361 1.15 -23.03 -6.65
CA LEU A 361 1.76 -23.67 -7.78
C LEU A 361 0.75 -24.36 -8.68
N ASN A 362 -0.37 -24.83 -8.12
CA ASN A 362 -1.41 -25.47 -8.94
C ASN A 362 -2.42 -24.52 -9.53
N ASN A 363 -2.49 -23.27 -9.05
CA ASN A 363 -3.54 -22.34 -9.50
C ASN A 363 -3.03 -21.02 -10.05
N TYR A 364 -1.72 -20.84 -10.22
CA TYR A 364 -1.21 -19.52 -10.53
C TYR A 364 -1.70 -19.01 -11.88
N GLN A 365 -1.91 -19.91 -12.85
CA GLN A 365 -2.38 -19.49 -14.18
C GLN A 365 -3.78 -18.90 -14.12
N LYS A 366 -4.63 -19.51 -13.31
CA LYS A 366 -5.96 -18.96 -13.02
C LYS A 366 -5.85 -17.58 -12.39
N TRP A 367 -4.93 -17.43 -11.43
CA TRP A 367 -4.76 -16.15 -10.76
C TRP A 367 -4.27 -15.07 -11.72
N GLU A 368 -3.35 -15.43 -12.62
CA GLU A 368 -2.89 -14.47 -13.62
C GLU A 368 -4.04 -13.93 -14.45
N LYS A 369 -4.92 -14.83 -14.87
CA LYS A 369 -6.09 -14.46 -15.68
C LYS A 369 -7.03 -13.57 -14.90
N MET A 370 -7.23 -13.88 -13.63
CA MET A 370 -8.09 -13.06 -12.77
C MET A 370 -7.54 -11.63 -12.62
N ILE A 371 -6.22 -11.51 -12.49
CA ILE A 371 -5.58 -10.20 -12.46
C ILE A 371 -5.73 -9.47 -13.79
N ASP A 372 -5.49 -10.18 -14.89
CA ASP A 372 -5.68 -9.59 -16.20
C ASP A 372 -7.11 -9.12 -16.40
N ASP A 373 -8.08 -9.90 -15.92
CA ASP A 373 -9.49 -9.56 -16.10
C ASP A 373 -9.81 -8.23 -15.42
N TRP A 374 -9.23 -7.97 -14.25
CA TRP A 374 -9.54 -6.71 -13.57
CA TRP A 374 -9.50 -6.72 -13.52
C TRP A 374 -8.71 -5.54 -14.08
N GLN A 375 -7.50 -5.78 -14.55
CA GLN A 375 -6.69 -4.68 -15.11
C GLN A 375 -7.15 -4.28 -16.53
N LYS A 376 -7.74 -5.22 -17.28
CA LYS A 376 -8.03 -5.00 -18.70
C LYS A 376 -8.92 -3.81 -19.03
N PRO A 377 -10.02 -3.59 -18.29
CA PRO A 377 -10.87 -2.43 -18.62
C PRO A 377 -10.14 -1.09 -18.65
N ILE A 378 -9.17 -0.92 -17.77
CA ILE A 378 -8.39 0.30 -17.74
C ILE A 378 -7.30 0.24 -18.79
N LEU A 379 -6.54 -0.84 -18.84
CA LEU A 379 -5.41 -0.94 -19.76
C LEU A 379 -5.86 -0.82 -21.22
N SER A 380 -7.02 -1.39 -21.53
CA SER A 380 -7.57 -1.36 -22.89
C SER A 380 -8.18 -0.02 -23.29
N ASN A 381 -8.34 0.91 -22.37
CA ASN A 381 -8.92 2.20 -22.68
C ASN A 381 -7.85 3.10 -23.25
N LYS A 382 -7.83 3.22 -24.57
CA LYS A 382 -6.78 3.97 -25.27
C LYS A 382 -6.97 5.48 -25.24
N SER A 383 -8.03 5.96 -24.60
CA SER A 383 -8.17 7.40 -24.36
C SER A 383 -7.32 7.86 -23.17
N LYS A 384 -6.89 6.92 -22.33
CA LYS A 384 -6.13 7.29 -21.12
C LYS A 384 -4.64 7.09 -21.35
N PRO A 385 -3.81 8.08 -20.97
CA PRO A 385 -2.36 7.93 -21.18
C PRO A 385 -1.78 6.86 -20.29
N ASP A 386 -0.68 6.29 -20.74
CA ASP A 386 -0.04 5.23 -19.99
C ASP A 386 0.49 5.67 -18.63
N TRP A 387 0.95 6.91 -18.50
CA TRP A 387 1.48 7.37 -17.20
C TRP A 387 0.40 7.30 -16.14
N TYR A 388 -0.83 7.60 -16.52
CA TYR A 388 -1.94 7.60 -15.58
C TYR A 388 -2.19 6.17 -15.10
N LYS A 389 -2.11 5.20 -16.01
CA LYS A 389 -2.26 3.80 -15.66
C LYS A 389 -1.13 3.34 -14.76
N THR A 390 0.10 3.81 -15.00
CA THR A 390 1.23 3.48 -14.14
C THR A 390 0.92 3.85 -12.70
N ALA A 391 0.44 5.08 -12.50
CA ALA A 391 0.14 5.56 -11.15
C ALA A 391 -1.08 4.86 -10.57
N LEU A 392 -2.14 4.73 -11.37
CA LEU A 392 -3.36 4.14 -10.87
C LEU A 392 -3.13 2.75 -10.27
N PHE A 393 -2.42 1.89 -10.99
CA PHE A 393 -2.20 0.55 -10.48
C PHE A 393 -1.11 0.54 -9.40
N ASN A 394 0.00 1.23 -9.62
CA ASN A 394 1.11 1.11 -8.66
C ASN A 394 0.81 1.79 -7.33
N GLU A 395 -0.05 2.82 -7.27
CA GLU A 395 -0.40 3.37 -5.95
C GLU A 395 -1.07 2.33 -5.06
N LEU A 396 -1.74 1.33 -5.66
CA LEU A 396 -2.39 0.27 -4.90
C LEU A 396 -1.44 -0.59 -4.09
N TYR A 397 -0.13 -0.48 -4.33
CA TYR A 397 0.86 -1.18 -3.50
C TYR A 397 0.55 -0.96 -2.01
N TYR A 398 0.07 0.24 -1.68
CA TYR A 398 -0.13 0.60 -0.26
C TYR A 398 -1.20 -0.21 0.43
N LEU A 399 -2.19 -0.70 -0.33
CA LEU A 399 -3.24 -1.50 0.30
C LEU A 399 -2.68 -2.73 0.99
N ALA A 400 -1.65 -3.33 0.39
CA ALA A 400 -0.94 -4.45 1.01
C ALA A 400 0.19 -3.98 1.90
N ASP A 401 0.92 -2.94 1.51
CA ASP A 401 2.14 -2.50 2.19
C ASP A 401 1.90 -1.53 3.34
N GLY A 402 0.66 -1.16 3.61
CA GLY A 402 0.40 -0.19 4.68
C GLY A 402 0.12 -0.79 6.06
N GLY A 403 0.92 -1.79 6.46
CA GLY A 403 0.76 -2.39 7.78
C GLY A 403 -0.58 -3.06 8.01
N THR A 404 -1.15 -3.57 6.93
CA THR A 404 -2.54 -3.96 6.90
C THR A 404 -2.82 -5.12 7.84
N ALA A 405 -3.84 -4.91 8.67
CA ALA A 405 -4.25 -5.87 9.68
C ALA A 405 -5.66 -6.35 9.38
N TRP A 406 -5.87 -7.66 9.40
CA TRP A 406 -7.18 -8.23 9.03
C TRP A 406 -7.32 -9.47 9.83
N GLU A 407 -8.16 -9.39 10.87
CA GLU A 407 -8.16 -10.44 11.89
C GLU A 407 -9.19 -11.53 11.67
N ASN A 408 -8.80 -12.75 12.06
CA ASN A 408 -9.68 -13.92 12.07
C ASN A 408 -9.73 -14.52 13.45
N GLY A 409 -9.97 -13.65 14.44
CA GLY A 409 -10.15 -14.06 15.83
C GLY A 409 -9.00 -13.66 16.73
N LYS A 410 -9.34 -13.35 17.98
CA LYS A 410 -8.34 -13.06 18.99
C LYS A 410 -7.81 -14.41 19.47
N VAL A 411 -6.51 -14.51 19.71
CA VAL A 411 -5.94 -15.75 20.20
C VAL A 411 -6.57 -16.07 21.58
N GLY A 412 -7.09 -17.30 21.73
CA GLY A 412 -7.82 -17.71 22.94
C GLY A 412 -9.31 -17.33 22.99
N GLU A 413 -9.84 -16.82 21.88
CA GLU A 413 -11.25 -16.40 21.79
C GLU A 413 -12.09 -17.60 21.38
N LYS A 416 -16.51 -17.28 18.25
CA LYS A 416 -16.20 -16.73 16.94
C LYS A 416 -17.24 -15.69 16.51
N ARG A 417 -16.77 -14.65 15.82
CA ARG A 417 -17.63 -13.58 15.32
C ARG A 417 -17.91 -13.73 13.83
N THR A 418 -18.91 -13.00 13.36
CA THR A 418 -19.29 -12.97 11.95
C THR A 418 -18.25 -12.22 11.10
N ASN A 419 -17.78 -11.08 11.59
CA ASN A 419 -16.97 -10.16 10.80
C ASN A 419 -15.49 -10.30 11.12
N ASN A 420 -14.69 -9.77 10.22
CA ASN A 420 -13.24 -9.75 10.34
C ASN A 420 -12.78 -8.30 10.33
N MET A 421 -12.33 -7.78 11.47
CA MET A 421 -11.98 -6.38 11.52
C MET A 421 -10.73 -6.13 10.69
N PHE A 422 -10.64 -4.91 10.17
CA PHE A 422 -9.63 -4.52 9.19
C PHE A 422 -9.04 -3.16 9.55
N GLY A 423 -7.76 -2.98 9.27
CA GLY A 423 -7.16 -1.65 9.36
C GLY A 423 -5.97 -1.50 8.46
N LEU A 424 -5.93 -0.34 7.82
CA LEU A 424 -4.81 0.13 7.01
C LEU A 424 -4.18 1.32 7.74
N LEU A 425 -2.85 1.35 7.84
CA LEU A 425 -2.19 2.48 8.53
C LEU A 425 -2.29 3.77 7.73
N GLU A 426 -2.30 4.88 8.46
CA GLU A 426 -2.04 6.20 7.91
C GLU A 426 -0.67 6.21 7.22
N CYS A 427 0.35 5.76 7.94
CA CYS A 427 1.71 5.50 7.44
C CYS A 427 2.48 4.86 8.60
N PHE A 428 3.76 4.64 8.42
CA PHE A 428 4.60 4.05 9.48
C PHE A 428 5.14 5.09 10.47
N ASP A 429 5.45 6.29 10.01
CA ASP A 429 5.92 7.36 10.89
C ASP A 429 4.85 7.78 11.87
N TYR A 430 3.60 7.77 11.41
CA TYR A 430 2.44 8.19 12.18
C TYR A 430 1.56 6.94 12.24
N ASN A 431 1.83 6.07 13.22
CA ASN A 431 1.41 4.68 13.19
C ASN A 431 0.00 4.52 13.76
N TYR A 432 -0.99 4.94 12.99
CA TYR A 432 -2.39 4.96 13.41
C TYR A 432 -3.24 4.26 12.35
N TYR A 433 -4.14 3.39 12.79
CA TYR A 433 -5.02 2.66 11.87
C TYR A 433 -6.21 3.48 11.43
N GLU A 434 -6.40 3.55 10.11
CA GLU A 434 -7.62 4.08 9.49
C GLU A 434 -7.90 5.54 9.80
N THR A 435 -6.86 6.33 9.99
CA THR A 435 -7.02 7.73 10.32
C THR A 435 -8.10 8.35 9.44
N LEU A 436 -9.18 8.80 10.07
CA LEU A 436 -10.39 9.04 9.30
C LEU A 436 -10.30 10.27 8.40
N ASP A 437 -9.67 11.34 8.90
CA ASP A 437 -9.47 12.55 8.10
C ASP A 437 -8.65 12.27 6.85
N VAL A 438 -7.81 11.24 6.91
CA VAL A 438 -6.96 10.77 5.80
C VAL A 438 -7.73 9.78 4.92
N ARG A 439 -8.45 8.83 5.52
CA ARG A 439 -9.16 7.80 4.75
C ARG A 439 -10.29 8.41 3.92
N PHE A 440 -10.77 9.60 4.28
CA PHE A 440 -11.70 10.35 3.45
C PHE A 440 -11.18 10.44 2.01
N TYR A 441 -9.86 10.58 1.89
CA TYR A 441 -9.16 10.54 0.60
C TYR A 441 -8.69 9.14 0.23
N GLY A 442 -8.08 8.45 1.18
CA GLY A 442 -7.31 7.24 0.86
C GLY A 442 -8.09 5.95 0.72
N SER A 443 -9.38 5.96 1.04
CA SER A 443 -10.17 4.73 1.04
C SER A 443 -10.88 4.42 -0.29
N PHE A 444 -10.65 5.23 -1.32
CA PHE A 444 -11.32 5.00 -2.60
C PHE A 444 -11.09 3.60 -3.17
N PRO A 445 -9.86 3.07 -3.12
CA PRO A 445 -9.72 1.71 -3.66
C PRO A 445 -10.55 0.68 -2.92
N LEU A 446 -10.72 0.83 -1.61
CA LEU A 446 -11.50 -0.14 -0.86
C LEU A 446 -12.97 -0.08 -1.22
N VAL A 447 -13.57 1.09 -1.30
CA VAL A 447 -14.99 1.13 -1.67
C VAL A 447 -15.19 0.65 -3.10
N MET A 448 -14.25 0.95 -3.98
CA MET A 448 -14.41 0.62 -5.41
C MET A 448 -14.11 -0.83 -5.73
N LEU A 449 -13.17 -1.44 -5.01
CA LEU A 449 -12.62 -2.75 -5.38
C LEU A 449 -12.77 -3.85 -4.30
N TRP A 450 -12.88 -3.46 -3.03
CA TRP A 450 -13.12 -4.39 -1.92
C TRP A 450 -14.18 -3.85 -0.98
N PRO A 451 -15.40 -3.62 -1.51
CA PRO A 451 -16.40 -2.88 -0.72
C PRO A 451 -16.83 -3.52 0.59
N ASP A 452 -16.74 -4.85 0.71
CA ASP A 452 -17.10 -5.51 1.98
C ASP A 452 -16.10 -5.15 3.08
N ILE A 453 -14.83 -4.96 2.72
CA ILE A 453 -13.86 -4.43 3.69
C ILE A 453 -14.20 -2.99 4.07
N GLU A 454 -14.47 -2.16 3.06
CA GLU A 454 -14.81 -0.76 3.31
C GLU A 454 -15.98 -0.60 4.27
N LYS A 455 -17.06 -1.34 4.02
CA LYS A 455 -18.24 -1.24 4.90
C LYS A 455 -17.97 -1.74 6.31
N GLN A 456 -17.17 -2.80 6.44
CA GLN A 456 -16.71 -3.24 7.75
C GLN A 456 -15.95 -2.14 8.50
N VAL A 457 -15.04 -1.46 7.82
CA VAL A 457 -14.29 -0.37 8.47
C VAL A 457 -15.24 0.72 8.95
N MET A 458 -16.21 1.10 8.10
CA MET A 458 -17.13 2.14 8.50
C MET A 458 -18.05 1.70 9.63
N ARG A 459 -18.45 0.44 9.69
CA ARG A 459 -19.16 -0.04 10.88
C ARG A 459 -18.28 0.03 12.13
N GLN A 460 -16.99 -0.24 11.99
CA GLN A 460 -16.07 -0.09 13.12
C GLN A 460 -16.15 1.34 13.65
N PHE A 461 -16.11 2.32 12.75
CA PHE A 461 -16.27 3.72 13.15
C PHE A 461 -17.64 4.01 13.76
N ALA A 462 -18.70 3.49 13.16
CA ALA A 462 -20.06 3.68 13.70
C ALA A 462 -20.13 3.25 15.15
N ASP A 463 -19.55 2.09 15.43
CA ASP A 463 -19.57 1.53 16.78
C ASP A 463 -18.85 2.40 17.82
N THR A 464 -17.93 3.27 17.40
CA THR A 464 -17.22 4.14 18.33
C THR A 464 -17.93 5.44 18.68
N ILE A 465 -19.01 5.79 17.97
CA ILE A 465 -19.58 7.16 18.07
C ILE A 465 -19.87 7.55 19.52
N ASN A 466 -20.56 6.68 20.23
CA ASN A 466 -20.99 7.01 21.59
C ASN A 466 -20.10 6.47 22.68
N VAL A 467 -18.94 5.93 22.31
CA VAL A 467 -17.94 5.56 23.31
C VAL A 467 -17.47 6.83 24.01
N GLN A 468 -17.42 6.76 25.35
CA GLN A 468 -16.90 7.83 26.18
C GLN A 468 -15.79 7.21 27.00
N ASP A 469 -14.60 7.77 26.88
CA ASP A 469 -13.49 7.40 27.74
C ASP A 469 -13.03 8.71 28.35
N SER A 470 -13.43 8.90 29.61
CA SER A 470 -13.14 10.14 30.33
C SER A 470 -11.73 10.21 30.89
N SER A 471 -10.97 9.12 30.81
CA SER A 471 -9.56 9.14 31.22
C SER A 471 -8.83 10.16 30.37
N GLU A 472 -7.93 10.92 30.99
CA GLU A 472 -7.27 12.03 30.32
C GLU A 472 -5.86 11.68 29.86
N PHE A 473 -5.47 12.25 28.72
CA PHE A 473 -4.14 12.07 28.14
C PHE A 473 -3.48 13.44 28.00
N LYS A 474 -2.15 13.44 28.03
CA LYS A 474 -1.37 14.64 27.81
C LYS A 474 -1.27 14.90 26.30
N VAL A 475 -1.63 16.10 25.89
CA VAL A 475 -1.62 16.50 24.48
C VAL A 475 -0.19 16.88 24.12
N GLY A 476 0.37 16.18 23.14
CA GLY A 476 1.76 16.36 22.75
C GLY A 476 2.16 17.76 22.35
N SER A 477 1.32 18.42 21.56
CA SER A 477 1.65 19.73 20.98
C SER A 477 1.68 20.88 22.00
N ASN A 478 0.83 20.83 23.03
CA ASN A 478 0.76 21.92 24.03
C ASN A 478 0.92 21.52 25.50
N GLY A 479 0.98 20.22 25.80
CA GLY A 479 1.09 19.74 27.18
C GLY A 479 -0.17 19.77 28.03
N ALA A 480 -1.31 20.13 27.45
CA ALA A 480 -2.58 20.14 28.19
C ALA A 480 -3.12 18.72 28.38
N MET A 481 -3.99 18.53 29.36
CA MET A 481 -4.69 17.27 29.55
C MET A 481 -6.02 17.35 28.81
N ALA A 482 -6.38 16.25 28.14
CA ALA A 482 -7.63 16.19 27.39
C ALA A 482 -8.26 14.83 27.54
N VAL A 483 -9.59 14.80 27.47
CA VAL A 483 -10.35 13.57 27.53
C VAL A 483 -10.04 12.74 26.27
N LYS A 484 -9.86 11.43 26.46
CA LYS A 484 -9.47 10.53 25.36
C LYS A 484 -10.53 10.46 24.28
N LYS A 485 -11.77 10.26 24.68
CA LYS A 485 -12.85 10.08 23.71
C LYS A 485 -14.18 10.63 24.22
N VAL A 486 -14.71 11.61 23.49
CA VAL A 486 -15.95 12.32 23.85
C VAL A 486 -17.12 11.65 23.14
N GLN A 487 -18.22 11.43 23.86
CA GLN A 487 -19.44 10.87 23.29
C GLN A 487 -19.92 11.73 22.13
N GLY A 488 -20.15 11.10 20.99
CA GLY A 488 -20.70 11.78 19.82
C GLY A 488 -19.67 12.35 18.87
N MET A 489 -18.38 12.30 19.24
CA MET A 489 -17.28 12.71 18.37
C MET A 489 -16.62 11.47 17.78
N ILE A 490 -16.47 11.49 16.46
CA ILE A 490 -15.77 10.43 15.73
C ILE A 490 -14.28 10.45 16.10
N PRO A 491 -13.67 9.27 16.29
CA PRO A 491 -12.24 9.24 16.57
C PRO A 491 -11.35 9.55 15.39
N HIS A 492 -10.19 10.10 15.66
CA HIS A 492 -9.13 10.29 14.67
C HIS A 492 -8.71 8.97 14.04
N ASP A 493 -8.62 7.91 14.83
CA ASP A 493 -8.09 6.62 14.37
C ASP A 493 -8.59 5.49 15.23
N LEU A 494 -8.33 4.28 14.77
CA LEU A 494 -8.74 3.06 15.47
C LEU A 494 -7.57 2.39 16.20
N GLY A 495 -6.58 3.18 16.63
CA GLY A 495 -5.48 2.68 17.45
C GLY A 495 -4.18 2.59 16.70
N SER A 496 -3.15 2.13 17.38
CA SER A 496 -1.81 2.00 16.82
C SER A 496 -1.30 0.58 16.93
N SER A 497 -0.47 0.15 15.98
CA SER A 497 0.13 -1.17 16.10
C SER A 497 1.04 -1.33 17.32
N TYR A 498 1.49 -0.21 17.88
CA TYR A 498 2.29 -0.20 19.12
C TYR A 498 1.44 -0.38 20.37
N ALA A 499 0.11 -0.29 20.23
CA ALA A 499 -0.83 -0.34 21.33
C ALA A 499 -1.91 -1.38 20.99
N LEU A 500 -3.18 -1.00 20.88
CA LEU A 500 -4.26 -1.99 20.72
C LEU A 500 -5.20 -1.57 19.60
N PRO A 501 -4.87 -1.94 18.35
CA PRO A 501 -5.78 -1.71 17.23
C PRO A 501 -7.16 -2.26 17.50
N TRP A 502 -8.16 -1.47 17.11
CA TRP A 502 -9.61 -1.77 17.24
C TRP A 502 -10.14 -1.67 18.66
N ILE A 503 -9.30 -1.81 19.67
CA ILE A 503 -9.74 -1.85 21.07
C ILE A 503 -9.57 -0.51 21.73
N LYS A 504 -8.42 0.14 21.53
CA LYS A 504 -8.11 1.45 22.07
C LYS A 504 -7.99 2.43 20.92
N ILE A 505 -9.04 3.21 20.72
CA ILE A 505 -9.11 4.19 19.63
C ILE A 505 -8.43 5.48 20.03
N ASN A 506 -8.23 6.40 19.08
CA ASN A 506 -7.57 7.67 19.34
C ASN A 506 -6.17 7.49 19.93
N ALA A 507 -5.36 6.61 19.33
CA ALA A 507 -3.97 6.55 19.70
C ALA A 507 -3.24 7.88 19.42
N TYR A 508 -3.71 8.64 18.43
CA TYR A 508 -3.17 9.96 18.16
C TYR A 508 -3.37 10.86 19.36
N ASP A 509 -2.25 11.37 19.86
CA ASP A 509 -2.27 12.26 21.04
C ASP A 509 -1.53 13.57 20.85
N TRP A 510 -1.05 13.85 19.65
CA TRP A 510 -0.34 15.11 19.39
C TRP A 510 -1.27 16.31 19.60
N GLN A 511 -2.54 16.13 19.25
CA GLN A 511 -3.60 17.10 19.49
C GLN A 511 -4.84 16.35 19.94
N ASN A 512 -5.88 17.09 20.30
CA ASN A 512 -7.12 16.52 20.75
C ASN A 512 -8.12 16.43 19.59
N PRO A 513 -8.34 15.21 19.06
CA PRO A 513 -9.23 15.08 17.91
C PRO A 513 -10.71 15.22 18.26
N ASN A 514 -11.05 15.22 19.55
CA ASN A 514 -12.44 15.38 19.96
C ASN A 514 -12.98 16.80 19.70
N ILE A 515 -12.11 17.75 19.37
CA ILE A 515 -12.55 19.09 18.96
C ILE A 515 -12.32 19.36 17.46
N TRP A 516 -11.95 18.35 16.69
CA TRP A 516 -11.78 18.57 15.25
C TRP A 516 -13.13 18.82 14.59
N LYS A 517 -13.11 19.65 13.54
CA LYS A 517 -14.32 20.10 12.87
C LYS A 517 -14.59 19.37 11.57
N ASP A 518 -13.66 18.51 11.12
CA ASP A 518 -13.83 17.73 9.87
C ASP A 518 -14.13 16.24 10.07
N LEU A 519 -13.79 15.67 11.22
CA LEU A 519 -13.98 14.23 11.39
C LEU A 519 -15.45 13.81 11.31
N ASN A 520 -16.34 14.53 12.00
CA ASN A 520 -17.73 14.11 12.04
C ASN A 520 -18.40 14.25 10.66
N SER A 521 -18.07 15.32 9.93
CA SER A 521 -18.61 15.53 8.57
CA SER A 521 -18.65 15.51 8.60
C SER A 521 -18.07 14.51 7.58
N LYS A 522 -16.76 14.30 7.63
CA LYS A 522 -16.12 13.31 6.74
C LYS A 522 -16.67 11.92 7.00
N TYR A 523 -16.95 11.59 8.25
CA TYR A 523 -17.57 10.33 8.60
C TYR A 523 -18.92 10.14 7.86
N VAL A 524 -19.78 11.15 7.96
CA VAL A 524 -21.09 11.08 7.31
C VAL A 524 -20.93 10.94 5.79
N LEU A 525 -20.01 11.73 5.24
CA LEU A 525 -19.76 11.69 3.80
C LEU A 525 -19.23 10.32 3.34
N LEU A 526 -18.36 9.69 4.14
CA LEU A 526 -17.91 8.34 3.85
C LEU A 526 -19.02 7.31 3.88
N VAL A 527 -19.91 7.41 4.87
CA VAL A 527 -21.06 6.53 4.96
C VAL A 527 -21.91 6.64 3.67
N TYR A 528 -22.27 7.86 3.29
CA TYR A 528 -23.14 7.99 2.14
C TYR A 528 -22.40 7.61 0.85
N ARG A 529 -21.13 7.98 0.74
CA ARG A 529 -20.33 7.54 -0.39
C ARG A 529 -20.40 6.01 -0.54
N ASP A 530 -20.25 5.32 0.57
CA ASP A 530 -20.19 3.87 0.53
C ASP A 530 -21.49 3.23 0.06
N TYR A 531 -22.60 3.88 0.38
CA TYR A 531 -23.91 3.51 -0.16
C TYR A 531 -24.02 3.78 -1.65
N VAL A 532 -23.64 4.98 -2.07
CA VAL A 532 -23.78 5.39 -3.47
C VAL A 532 -22.88 4.56 -4.40
N LEU A 533 -21.61 4.41 -4.04
CA LEU A 533 -20.65 3.74 -4.93
C LEU A 533 -20.75 2.21 -4.90
N THR A 534 -21.64 1.65 -4.09
CA THR A 534 -21.99 0.22 -4.18
C THR A 534 -23.42 -0.02 -4.69
N GLY A 535 -23.96 0.98 -5.39
CA GLY A 535 -25.18 0.83 -6.18
C GLY A 535 -26.46 1.36 -5.58
N LYS A 536 -26.38 2.07 -4.45
CA LYS A 536 -27.56 2.61 -3.76
C LYS A 536 -28.57 1.51 -3.41
N THR A 537 -28.08 0.33 -3.06
CA THR A 537 -28.95 -0.79 -2.67
C THR A 537 -28.82 -1.24 -1.21
N ASP A 538 -27.77 -0.81 -0.51
CA ASP A 538 -27.46 -1.38 0.80
C ASP A 538 -28.12 -0.56 1.89
N LYS A 539 -29.46 -0.72 1.97
CA LYS A 539 -30.22 -0.06 3.02
C LYS A 539 -29.83 -0.53 4.42
N GLU A 540 -29.46 -1.80 4.55
CA GLU A 540 -29.00 -2.30 5.85
C GLU A 540 -27.77 -1.54 6.38
N PHE A 541 -26.84 -1.22 5.48
CA PHE A 541 -25.67 -0.40 5.85
C PHE A 541 -26.06 1.01 6.33
N LEU A 542 -27.00 1.66 5.62
CA LEU A 542 -27.53 2.95 6.07
C LEU A 542 -28.25 2.84 7.42
N LYS A 543 -29.04 1.78 7.58
CA LYS A 543 -29.72 1.55 8.86
C LYS A 543 -28.72 1.36 9.99
N TYR A 544 -27.68 0.57 9.76
CA TYR A 544 -26.68 0.31 10.81
C TYR A 544 -26.01 1.59 11.30
N THR A 545 -25.73 2.49 10.36
CA THR A 545 -24.97 3.70 10.61
C THR A 545 -25.80 4.96 10.90
N TRP A 546 -27.13 4.87 10.76
CA TRP A 546 -27.94 6.10 10.78
C TRP A 546 -27.89 6.87 12.11
N LYS A 547 -28.03 6.16 13.22
CA LYS A 547 -27.94 6.83 14.51
C LYS A 547 -26.61 7.57 14.69
N SER A 548 -25.51 6.94 14.26
CA SER A 548 -24.22 7.56 14.35
C SER A 548 -24.08 8.80 13.46
N VAL A 549 -24.71 8.76 12.28
CA VAL A 549 -24.73 9.92 11.37
C VAL A 549 -25.42 11.14 12.01
N LYS A 550 -26.59 10.88 12.57
CA LYS A 550 -27.36 11.93 13.20
C LYS A 550 -26.63 12.50 14.40
N THR A 551 -26.09 11.61 15.25
CA THR A 551 -25.30 12.05 16.39
C THR A 551 -24.11 12.90 15.98
N ALA A 552 -23.38 12.45 14.96
CA ALA A 552 -22.20 13.16 14.50
C ALA A 552 -22.51 14.60 14.04
N LEU A 553 -23.58 14.77 13.26
CA LEU A 553 -23.94 16.12 12.81
C LEU A 553 -24.51 16.98 13.93
N ASP A 554 -25.27 16.34 14.81
CA ASP A 554 -25.87 17.09 15.93
C ASP A 554 -24.79 17.63 16.86
N LYS A 555 -23.75 16.82 17.11
CA LYS A 555 -22.63 17.30 17.91
C LYS A 555 -21.82 18.40 17.26
N LEU A 556 -21.60 18.29 15.96
CA LEU A 556 -20.89 19.32 15.22
C LEU A 556 -21.64 20.66 15.21
N LYS A 557 -22.97 20.58 15.13
CA LYS A 557 -23.81 21.80 15.17
C LYS A 557 -23.58 22.64 16.43
N GLU A 558 -23.32 21.96 17.55
CA GLU A 558 -23.05 22.63 18.83
C GLU A 558 -21.78 23.49 18.82
N MET A 559 -20.88 23.25 17.85
CA MET A 559 -19.66 24.01 17.71
C MET A 559 -19.82 25.29 16.89
N ASP A 560 -21.05 25.58 16.45
CA ASP A 560 -21.37 26.87 15.84
C ASP A 560 -21.50 27.92 16.96
N LYS A 561 -20.47 28.73 17.13
CA LYS A 561 -20.42 29.75 18.22
C LYS A 561 -21.31 30.97 17.98
N ASP A 562 -21.47 31.35 16.71
CA ASP A 562 -22.09 32.65 16.37
C ASP A 562 -23.41 32.55 15.62
N ASN A 563 -24.01 31.35 15.63
CA ASN A 563 -25.32 31.11 15.04
C ASN A 563 -25.46 31.43 13.54
N ASP A 564 -24.37 31.28 12.77
CA ASP A 564 -24.47 31.35 11.31
C ASP A 564 -24.82 29.99 10.67
N GLY A 565 -25.01 28.96 11.50
CA GLY A 565 -25.43 27.64 11.02
C GLY A 565 -24.25 26.71 10.69
N ILE A 566 -23.03 27.17 10.90
CA ILE A 566 -21.81 26.47 10.48
C ILE A 566 -20.88 26.32 11.69
N PRO A 567 -20.33 25.12 11.92
CA PRO A 567 -19.34 25.02 13.00
C PRO A 567 -18.16 25.99 12.83
N ASP A 568 -17.68 26.57 13.92
CA ASP A 568 -16.58 27.53 13.88
C ASP A 568 -15.25 26.84 14.07
N ASN A 569 -14.33 27.03 13.13
CA ASN A 569 -12.94 26.69 13.38
C ASN A 569 -12.40 27.65 14.46
N GLU A 570 -11.53 27.15 15.32
CA GLU A 570 -11.21 27.88 16.57
C GLU A 570 -9.91 28.67 16.55
N GLY A 571 -9.27 28.82 15.39
CA GLY A 571 -8.02 29.58 15.30
C GLY A 571 -6.82 28.84 15.84
N ILE A 572 -6.99 27.54 16.02
CA ILE A 572 -5.92 26.62 16.31
C ILE A 572 -6.19 25.46 15.34
N PRO A 573 -5.14 24.72 14.93
CA PRO A 573 -5.46 23.62 14.03
C PRO A 573 -6.47 22.65 14.66
N ASP A 574 -7.57 22.39 13.97
CA ASP A 574 -8.66 21.52 14.43
C ASP A 574 -9.28 20.77 13.24
N GLN A 575 -8.39 20.31 12.36
CA GLN A 575 -8.79 19.53 11.19
C GLN A 575 -7.53 18.93 10.56
N THR A 576 -7.69 18.20 9.44
CA THR A 576 -6.61 17.39 8.86
C THR A 576 -5.33 18.17 8.55
N TYR A 577 -5.47 19.45 8.21
CA TYR A 577 -4.31 20.33 8.01
C TYR A 577 -3.93 20.78 9.41
N ASN A 578 -3.27 19.86 10.11
CA ASN A 578 -3.17 19.95 11.57
C ASN A 578 -2.07 20.88 12.09
N THR A 579 -1.40 21.62 11.21
CA THR A 579 -0.64 22.81 11.64
C THR A 579 -1.08 24.11 10.94
N TRP A 580 -2.12 24.06 10.11
CA TRP A 580 -2.57 25.22 9.34
C TRP A 580 -3.89 25.68 9.93
N SER A 581 -3.84 26.72 10.76
N SER A 581 -3.83 26.75 10.72
CA SER A 581 -5.01 27.14 11.54
CA SER A 581 -4.96 27.19 11.51
C SER A 581 -6.10 27.76 10.68
C SER A 581 -6.11 27.78 10.67
N MET A 582 -7.33 27.34 10.94
CA MET A 582 -8.55 27.94 10.38
C MET A 582 -9.31 28.59 11.53
N LYS A 583 -10.00 29.69 11.22
CA LYS A 583 -10.75 30.45 12.24
C LYS A 583 -12.03 30.98 11.62
N GLY A 584 -13.14 30.77 12.33
CA GLY A 584 -14.45 31.15 11.85
C GLY A 584 -15.01 30.11 10.91
N THR A 585 -15.64 30.55 9.83
CA THR A 585 -16.13 29.64 8.81
C THR A 585 -15.00 29.45 7.80
N SER A 586 -14.61 28.20 7.58
CA SER A 586 -13.59 27.90 6.59
C SER A 586 -14.23 27.30 5.35
N ALA A 587 -13.62 27.54 4.19
CA ALA A 587 -14.09 26.91 2.97
C ALA A 587 -14.07 25.36 3.12
N TYR A 588 -12.97 24.87 3.69
CA TYR A 588 -12.75 23.42 3.82
C TYR A 588 -13.76 22.77 4.74
N CYS A 589 -13.79 23.17 6.02
CA CYS A 589 -14.72 22.55 6.95
C CYS A 589 -16.15 22.95 6.67
N GLY A 590 -16.34 24.18 6.19
CA GLY A 590 -17.66 24.67 5.84
C GLY A 590 -18.28 23.88 4.70
N SER A 591 -17.52 23.64 3.63
CA SER A 591 -18.08 22.91 2.50
C SER A 591 -18.34 21.44 2.83
N LEU A 592 -17.46 20.85 3.65
CA LEU A 592 -17.69 19.49 4.13
C LEU A 592 -18.95 19.37 4.94
N TRP A 593 -19.19 20.38 5.79
CA TRP A 593 -20.43 20.47 6.57
C TRP A 593 -21.67 20.54 5.68
N LEU A 594 -21.63 21.41 4.67
CA LEU A 594 -22.77 21.54 3.75
C LEU A 594 -23.07 20.20 3.07
N ALA A 595 -22.02 19.54 2.57
CA ALA A 595 -22.21 18.29 1.86
C ALA A 595 -22.71 17.19 2.79
N ALA A 596 -22.20 17.16 4.02
CA ALA A 596 -22.64 16.18 4.99
C ALA A 596 -24.14 16.35 5.36
N LEU A 597 -24.57 17.59 5.48
CA LEU A 597 -25.98 17.86 5.72
C LEU A 597 -26.85 17.38 4.56
N LYS A 598 -26.41 17.64 3.34
CA LYS A 598 -27.16 17.19 2.17
C LYS A 598 -27.19 15.65 2.12
N ALA A 599 -26.07 15.00 2.44
CA ALA A 599 -26.03 13.55 2.50
C ALA A 599 -27.03 12.99 3.53
N ALA A 600 -27.05 13.60 4.71
CA ALA A 600 -27.93 13.16 5.79
C ALA A 600 -29.41 13.37 5.44
N GLN A 601 -29.72 14.47 4.75
CA GLN A 601 -31.08 14.64 4.21
C GLN A 601 -31.48 13.48 3.34
N GLU A 602 -30.61 13.10 2.42
CA GLU A 602 -30.91 12.04 1.49
C GLU A 602 -31.04 10.70 2.21
N ILE A 603 -30.19 10.43 3.21
CA ILE A 603 -30.35 9.21 3.99
C ILE A 603 -31.70 9.23 4.74
N GLY A 604 -32.05 10.37 5.31
CA GLY A 604 -33.35 10.55 5.95
C GLY A 604 -34.51 10.21 5.02
N LYS A 605 -34.42 10.66 3.77
CA LYS A 605 -35.44 10.31 2.76
C LYS A 605 -35.48 8.81 2.51
N VAL A 606 -34.31 8.18 2.31
CA VAL A 606 -34.26 6.74 2.05
C VAL A 606 -34.83 5.93 3.22
N LEU A 607 -34.50 6.33 4.44
CA LEU A 607 -34.93 5.61 5.64
C LEU A 607 -36.28 6.09 6.20
N LYS A 608 -36.90 7.04 5.50
CA LYS A 608 -38.21 7.60 5.87
C LYS A 608 -38.21 8.18 7.29
N ASP A 609 -37.15 8.92 7.60
CA ASP A 609 -37.01 9.65 8.85
C ASP A 609 -37.32 11.11 8.52
N ASN A 610 -38.62 11.43 8.54
CA ASN A 610 -39.10 12.74 8.13
C ASN A 610 -38.53 13.88 8.97
N GLU A 611 -38.49 13.70 10.28
CA GLU A 611 -38.01 14.75 11.17
C GLU A 611 -36.54 15.06 10.94
N ALA A 612 -35.75 14.01 10.67
CA ALA A 612 -34.33 14.21 10.33
C ALA A 612 -34.16 14.92 9.00
N TYR A 613 -34.92 14.49 7.99
CA TYR A 613 -34.91 15.18 6.71
C TYR A 613 -35.19 16.69 6.87
N ILE A 614 -36.26 17.03 7.58
CA ILE A 614 -36.60 18.45 7.75
C ILE A 614 -35.51 19.21 8.49
N LYS A 615 -34.99 18.64 9.58
CA LYS A 615 -34.00 19.33 10.41
C LYS A 615 -32.74 19.61 9.60
N TYR A 616 -32.19 18.59 8.93
CA TYR A 616 -30.95 18.77 8.19
C TYR A 616 -31.15 19.62 6.92
N ASN A 617 -32.34 19.57 6.33
CA ASN A 617 -32.68 20.49 5.24
C ASN A 617 -32.68 21.95 5.72
N GLU A 618 -33.27 22.20 6.88
CA GLU A 618 -33.28 23.56 7.47
C GLU A 618 -31.86 24.07 7.77
N TRP A 619 -31.06 23.22 8.42
CA TRP A 619 -29.68 23.57 8.73
C TRP A 619 -28.90 23.83 7.45
N TYR A 620 -29.12 22.98 6.45
CA TYR A 620 -28.43 23.12 5.15
C TYR A 620 -28.74 24.45 4.46
N LYS A 621 -30.01 24.81 4.39
CA LYS A 621 -30.39 26.05 3.68
C LYS A 621 -29.75 27.28 4.36
N ILE A 622 -29.78 27.32 5.68
CA ILE A 622 -29.17 28.41 6.44
C ILE A 622 -27.65 28.46 6.23
N ALA A 623 -26.99 27.32 6.43
CA ALA A 623 -25.55 27.23 6.29
C ALA A 623 -25.07 27.57 4.89
N GLN A 624 -25.81 27.11 3.88
CA GLN A 624 -25.46 27.32 2.48
C GLN A 624 -25.50 28.80 2.13
N GLN A 625 -26.56 29.49 2.55
CA GLN A 625 -26.68 30.94 2.34
C GLN A 625 -25.51 31.68 2.96
N ASN A 626 -25.20 31.34 4.21
CA ASN A 626 -24.17 32.04 4.94
C ASN A 626 -22.76 31.71 4.46
N PHE A 627 -22.53 30.45 4.08
CA PHE A 627 -21.22 30.06 3.51
C PHE A 627 -20.90 30.93 2.28
N GLU A 628 -21.87 31.03 1.38
CA GLU A 628 -21.73 31.80 0.16
C GLU A 628 -21.46 33.29 0.46
N LYS A 629 -22.28 33.88 1.32
CA LYS A 629 -22.10 35.29 1.73
C LYS A 629 -20.75 35.55 2.36
N GLU A 630 -20.34 34.66 3.28
CA GLU A 630 -19.12 34.85 4.04
C GLU A 630 -17.84 34.67 3.23
N LEU A 631 -17.86 33.76 2.27
CA LEU A 631 -16.62 33.32 1.62
C LEU A 631 -16.46 33.60 0.12
N TRP A 632 -17.56 33.71 -0.63
CA TRP A 632 -17.44 33.92 -2.08
C TRP A 632 -16.92 35.34 -2.35
N ASN A 633 -15.77 35.45 -3.02
CA ASN A 633 -15.14 36.78 -3.26
C ASN A 633 -15.24 37.26 -4.71
N GLY A 634 -15.96 36.54 -5.56
CA GLY A 634 -16.06 36.85 -7.00
C GLY A 634 -15.14 36.06 -7.91
N GLU A 635 -14.06 35.49 -7.37
CA GLU A 635 -13.12 34.63 -8.09
C GLU A 635 -12.96 33.21 -7.51
N TYR A 636 -13.00 33.10 -6.19
CA TYR A 636 -12.86 31.81 -5.48
C TYR A 636 -13.47 31.97 -4.10
N TYR A 637 -13.45 30.91 -3.31
CA TYR A 637 -13.91 30.95 -1.92
C TYR A 637 -12.74 31.21 -1.02
N ASN A 638 -12.85 32.21 -0.17
CA ASN A 638 -11.80 32.53 0.79
C ASN A 638 -11.48 31.36 1.71
N PHE A 639 -10.22 31.27 2.12
CA PHE A 639 -9.75 30.23 3.04
C PHE A 639 -10.63 30.15 4.29
N ASP A 640 -10.88 31.30 4.91
CA ASP A 640 -11.81 31.35 6.03
C ASP A 640 -12.27 32.78 6.27
N THR A 641 -12.97 33.03 7.38
CA THR A 641 -13.50 34.36 7.67
C THR A 641 -12.67 35.19 8.65
N GLU A 642 -11.78 34.57 9.41
CA GLU A 642 -11.12 35.25 10.54
C GLU A 642 -9.60 35.17 10.65
N SER A 643 -8.94 34.38 9.79
CA SER A 643 -7.48 34.24 9.86
C SER A 643 -6.76 35.43 9.22
N ASP A 644 -5.48 35.54 9.54
CA ASP A 644 -4.64 36.62 9.01
C ASP A 644 -4.49 36.58 7.49
N HIS A 645 -4.40 35.39 6.90
CA HIS A 645 -4.40 35.23 5.43
C HIS A 645 -5.70 34.53 4.99
N LYS A 646 -6.82 35.06 5.46
CA LYS A 646 -8.13 34.52 5.12
C LYS A 646 -8.43 34.51 3.61
N ASP A 647 -7.75 35.34 2.82
CA ASP A 647 -7.95 35.40 1.37
C ASP A 647 -6.98 34.51 0.58
N SER A 648 -6.26 33.62 1.26
CA SER A 648 -5.46 32.64 0.54
C SER A 648 -6.35 31.73 -0.29
N ILE A 649 -5.81 31.32 -1.43
CA ILE A 649 -6.45 30.37 -2.33
C ILE A 649 -6.05 28.97 -1.88
N MET A 650 -6.99 28.20 -1.35
CA MET A 650 -6.68 26.85 -0.82
C MET A 650 -7.02 25.83 -1.90
N ALA A 651 -6.08 24.92 -2.17
CA ALA A 651 -6.33 23.90 -3.19
C ALA A 651 -7.58 23.07 -2.90
N ASP A 652 -7.80 22.80 -1.61
CA ASP A 652 -8.89 21.92 -1.15
C ASP A 652 -10.12 22.70 -0.67
N GLN A 653 -10.23 23.98 -1.05
CA GLN A 653 -11.32 24.84 -0.56
C GLN A 653 -12.73 24.26 -0.74
N LEU A 654 -12.98 23.50 -1.83
CA LEU A 654 -14.32 22.99 -2.07
C LEU A 654 -14.41 21.47 -1.92
N ALA A 655 -13.67 20.93 -0.95
CA ALA A 655 -13.68 19.48 -0.73
C ALA A 655 -15.09 18.91 -0.56
N GLY A 656 -16.00 19.66 0.08
CA GLY A 656 -17.36 19.19 0.20
C GLY A 656 -18.10 19.05 -1.12
N GLN A 657 -17.87 19.99 -2.04
CA GLN A 657 -18.48 19.89 -3.36
C GLN A 657 -17.88 18.73 -4.17
N TRP A 658 -16.57 18.49 -4.02
CA TRP A 658 -15.93 17.33 -4.66
C TRP A 658 -16.68 16.07 -4.25
N TYR A 659 -16.87 15.86 -2.95
CA TYR A 659 -17.60 14.68 -2.49
C TYR A 659 -19.08 14.69 -2.92
N ALA A 660 -19.72 15.85 -2.90
CA ALA A 660 -21.09 15.94 -3.37
C ALA A 660 -21.23 15.46 -4.83
N ASP A 661 -20.27 15.78 -5.68
CA ASP A 661 -20.26 15.27 -7.07
C ASP A 661 -20.23 13.73 -7.10
N ILE A 662 -19.34 13.14 -6.31
CA ILE A 662 -19.21 11.68 -6.24
C ILE A 662 -20.48 11.01 -5.70
N LEU A 663 -21.12 11.69 -4.75
CA LEU A 663 -22.29 11.17 -4.06
C LEU A 663 -23.58 11.48 -4.83
N ARG A 664 -23.47 12.19 -5.95
CA ARG A 664 -24.60 12.59 -6.79
C ARG A 664 -25.62 13.42 -5.99
N LEU A 665 -25.09 14.33 -5.17
CA LEU A 665 -25.90 15.23 -4.34
C LEU A 665 -26.15 16.60 -4.98
N GLY A 666 -25.66 16.78 -6.20
CA GLY A 666 -25.91 18.01 -6.95
C GLY A 666 -25.06 19.18 -6.51
N ASP A 667 -25.61 20.37 -6.75
CA ASP A 667 -24.90 21.60 -6.47
C ASP A 667 -25.10 21.94 -5.00
N ILE A 668 -24.02 22.03 -4.25
CA ILE A 668 -24.06 22.67 -2.94
C ILE A 668 -23.67 24.13 -3.05
N LEU A 669 -22.90 24.46 -4.08
CA LEU A 669 -22.55 25.83 -4.41
C LEU A 669 -22.82 26.03 -5.89
N PRO A 670 -22.99 27.30 -6.33
CA PRO A 670 -23.35 27.51 -7.74
C PRO A 670 -22.29 26.99 -8.71
N LYS A 671 -22.74 26.37 -9.80
CA LYS A 671 -21.84 25.79 -10.80
C LYS A 671 -20.83 26.80 -11.31
N ASP A 672 -21.28 28.02 -11.56
CA ASP A 672 -20.40 29.08 -12.06
C ASP A 672 -19.25 29.37 -11.10
N HIS A 673 -19.57 29.41 -9.81
CA HIS A 673 -18.59 29.74 -8.77
C HIS A 673 -17.63 28.58 -8.55
N VAL A 674 -18.16 27.35 -8.60
CA VAL A 674 -17.28 26.16 -8.52
C VAL A 674 -16.27 26.14 -9.68
N GLN A 675 -16.74 26.43 -10.90
CA GLN A 675 -15.88 26.42 -12.08
C GLN A 675 -14.80 27.50 -11.97
N LYS A 676 -15.19 28.70 -11.55
CA LYS A 676 -14.26 29.79 -11.34
C LYS A 676 -13.22 29.42 -10.29
N ALA A 677 -13.67 28.82 -9.19
CA ALA A 677 -12.75 28.44 -8.12
C ALA A 677 -11.74 27.40 -8.61
N LEU A 678 -12.22 26.39 -9.34
CA LEU A 678 -11.31 25.35 -9.87
C LEU A 678 -10.30 25.90 -10.88
N LYS A 679 -10.76 26.80 -11.74
CA LYS A 679 -9.86 27.47 -12.68
C LYS A 679 -8.80 28.32 -11.98
N LYS A 680 -9.19 28.99 -10.90
CA LYS A 680 -8.25 29.79 -10.12
C LYS A 680 -7.20 28.90 -9.47
N ILE A 681 -7.64 27.77 -8.89
CA ILE A 681 -6.72 26.81 -8.27
C ILE A 681 -5.71 26.26 -9.28
N TYR A 682 -6.19 25.92 -10.49
CA TYR A 682 -5.27 25.48 -11.53
C TYR A 682 -4.29 26.58 -11.93
N GLU A 683 -4.82 27.79 -12.13
CA GLU A 683 -3.99 28.92 -12.58
C GLU A 683 -2.92 29.31 -11.56
N PHE A 684 -3.27 29.19 -10.28
CA PHE A 684 -2.42 29.63 -9.18
C PHE A 684 -1.71 28.47 -8.51
N ASN A 685 -2.43 27.71 -7.69
CA ASN A 685 -1.83 26.62 -6.90
C ASN A 685 -1.10 25.55 -7.72
N VAL A 686 -1.53 25.30 -8.94
CA VAL A 686 -0.79 24.41 -9.84
C VAL A 686 0.23 25.20 -10.69
N MET A 687 -0.26 26.08 -11.57
CA MET A 687 0.62 26.65 -12.60
C MET A 687 1.63 27.68 -12.13
N LYS A 688 1.37 28.33 -10.99
CA LYS A 688 2.36 29.24 -10.42
C LYS A 688 3.25 28.56 -9.38
N PHE A 689 3.12 27.23 -9.22
CA PHE A 689 3.99 26.46 -8.34
C PHE A 689 4.87 25.58 -9.20
N GLU A 690 6.14 25.96 -9.34
CA GLU A 690 7.10 25.17 -10.10
C GLU A 690 6.58 24.77 -11.48
N ASN A 691 5.96 25.74 -12.15
CA ASN A 691 5.45 25.59 -13.51
C ASN A 691 4.45 24.44 -13.70
N GLY A 692 3.70 24.13 -12.63
CA GLY A 692 2.65 23.11 -12.70
C GLY A 692 3.18 21.69 -12.89
N LYS A 693 4.44 21.44 -12.53
CA LYS A 693 5.09 20.15 -12.70
C LYS A 693 5.18 19.32 -11.42
N MET A 694 4.59 19.78 -10.33
CA MET A 694 4.75 19.11 -9.03
C MET A 694 3.46 18.96 -8.23
N GLY A 695 2.30 19.16 -8.86
CA GLY A 695 1.01 19.08 -8.17
C GLY A 695 0.47 20.43 -7.74
N ALA A 696 -0.50 20.42 -6.84
CA ALA A 696 -1.15 21.64 -6.36
C ALA A 696 -0.61 22.00 -4.99
N VAL A 697 0.05 23.14 -4.86
CA VAL A 697 0.48 23.58 -3.52
C VAL A 697 -0.76 23.96 -2.74
N ASN A 698 -0.74 23.73 -1.43
CA ASN A 698 -1.97 23.90 -0.66
C ASN A 698 -2.50 25.33 -0.58
N GLY A 699 -1.62 26.31 -0.37
CA GLY A 699 -2.06 27.70 -0.16
C GLY A 699 -1.28 28.69 -1.00
N MET A 700 -2.00 29.50 -1.78
CA MET A 700 -1.36 30.56 -2.55
C MET A 700 -2.04 31.88 -2.23
N ARG A 701 -1.21 32.91 -2.07
CA ARG A 701 -1.71 34.26 -1.86
C ARG A 701 -2.26 34.79 -3.17
N PRO A 702 -3.23 35.73 -3.12
CA PRO A 702 -3.79 36.27 -4.37
C PRO A 702 -2.79 36.97 -5.32
N ASP A 703 -1.63 37.36 -4.82
CA ASP A 703 -0.56 37.92 -5.66
C ASP A 703 0.29 36.84 -6.37
N GLY A 704 -0.07 35.57 -6.21
CA GLY A 704 0.61 34.49 -6.91
C GLY A 704 1.85 33.98 -6.23
N ILE A 705 2.02 34.29 -4.95
CA ILE A 705 3.15 33.83 -4.17
C ILE A 705 2.60 32.86 -3.14
N VAL A 706 3.33 31.77 -2.92
CA VAL A 706 2.90 30.72 -1.99
C VAL A 706 2.71 31.33 -0.60
N ASP A 707 1.64 30.92 0.07
CA ASP A 707 1.34 31.35 1.42
C ASP A 707 2.33 30.75 2.40
N GLU A 708 3.02 31.60 3.16
CA GLU A 708 4.08 31.16 4.08
C GLU A 708 3.63 31.11 5.54
N SER A 709 2.33 31.17 5.80
CA SER A 709 1.83 31.19 7.18
C SER A 709 2.14 29.91 7.95
N ASP A 710 2.23 28.79 7.23
CA ASP A 710 2.59 27.51 7.83
C ASP A 710 3.21 26.63 6.77
N ILE A 711 4.05 25.70 7.22
CA ILE A 711 4.63 24.71 6.31
C ILE A 711 3.58 23.99 5.46
N GLN A 712 2.42 23.65 6.03
CA GLN A 712 1.44 22.90 5.24
C GLN A 712 0.90 23.69 4.05
N ALA A 713 0.83 25.01 4.16
CA ALA A 713 0.44 25.86 3.03
C ALA A 713 1.43 25.78 1.89
N GLN A 714 2.69 25.51 2.21
CA GLN A 714 3.79 25.43 1.25
C GLN A 714 4.05 24.02 0.74
N GLU A 715 3.23 23.07 1.17
CA GLU A 715 3.36 21.68 0.73
C GLU A 715 2.34 21.39 -0.37
N VAL A 716 2.75 20.53 -1.29
CA VAL A 716 1.82 19.77 -2.10
C VAL A 716 1.47 18.50 -1.34
N TRP A 717 0.19 18.21 -1.19
CA TRP A 717 -0.26 16.93 -0.62
C TRP A 717 -0.70 16.06 -1.78
N THR A 718 -0.01 14.93 -1.94
CA THR A 718 -0.24 14.04 -3.05
C THR A 718 -1.70 13.58 -3.15
N GLY A 719 -2.30 13.20 -2.03
CA GLY A 719 -3.69 12.76 -2.02
C GLY A 719 -4.72 13.87 -2.24
N VAL A 720 -4.41 15.06 -1.74
CA VAL A 720 -5.24 16.22 -2.02
C VAL A 720 -5.21 16.55 -3.52
N THR A 721 -4.02 16.45 -4.10
CA THR A 721 -3.84 16.77 -5.52
C THR A 721 -4.56 15.76 -6.42
N TYR A 722 -4.45 14.46 -6.15
CA TYR A 722 -5.16 13.48 -6.96
C TYR A 722 -6.67 13.63 -6.82
N ALA A 723 -7.14 13.90 -5.61
CA ALA A 723 -8.56 14.18 -5.40
C ALA A 723 -9.04 15.43 -6.16
N LEU A 724 -8.24 16.48 -6.10
CA LEU A 724 -8.53 17.71 -6.87
C LEU A 724 -8.59 17.41 -8.37
N ALA A 725 -7.68 16.59 -8.86
CA ALA A 725 -7.73 16.15 -10.25
C ALA A 725 -9.04 15.44 -10.57
N SER A 726 -9.51 14.57 -9.68
CA SER A 726 -10.79 13.92 -9.91
C SER A 726 -11.94 14.94 -9.95
N PHE A 727 -11.89 15.94 -9.07
CA PHE A 727 -12.89 17.02 -9.04
C PHE A 727 -12.90 17.78 -10.37
N MET A 728 -11.73 18.17 -10.83
CA MET A 728 -11.59 18.83 -12.14
C MET A 728 -12.13 17.96 -13.27
N LYS A 729 -11.78 16.67 -13.27
CA LYS A 729 -12.26 15.74 -14.29
C LYS A 729 -13.80 15.68 -14.33
N TYR A 730 -14.45 15.52 -13.18
CA TYR A 730 -15.93 15.47 -13.10
C TYR A 730 -16.54 16.75 -13.63
N ARG A 731 -15.87 17.87 -13.40
CA ARG A 731 -16.35 19.19 -13.82
C ARG A 731 -15.99 19.57 -15.26
N GLY A 732 -15.46 18.61 -16.03
CA GLY A 732 -15.19 18.82 -17.45
C GLY A 732 -13.87 19.49 -17.75
N MET A 733 -13.05 19.76 -16.72
CA MET A 733 -11.74 20.36 -16.89
C MET A 733 -10.72 19.25 -17.10
N THR A 734 -10.80 18.60 -18.26
CA THR A 734 -10.08 17.35 -18.51
C THR A 734 -8.58 17.57 -18.58
N GLU A 735 -8.16 18.56 -19.36
CA GLU A 735 -6.74 18.87 -19.47
C GLU A 735 -6.18 19.27 -18.12
N GLU A 736 -6.89 20.16 -17.41
CA GLU A 736 -6.39 20.62 -16.12
C GLU A 736 -6.27 19.47 -15.14
N ALA A 737 -7.26 18.57 -15.15
CA ALA A 737 -7.25 17.40 -14.26
C ALA A 737 -6.02 16.55 -14.45
N TYR A 738 -5.75 16.14 -15.68
CA TYR A 738 -4.60 15.30 -15.94
C TYR A 738 -3.27 16.04 -15.81
N ASN A 739 -3.20 17.32 -16.16
CA ASN A 739 -1.98 18.08 -15.91
C ASN A 739 -1.67 18.20 -14.42
N THR A 740 -2.72 18.36 -13.62
CA THR A 740 -2.58 18.49 -12.17
C THR A 740 -2.05 17.18 -11.59
N ALA A 741 -2.67 16.07 -11.97
CA ALA A 741 -2.23 14.74 -11.52
C ALA A 741 -0.86 14.38 -12.06
N TYR A 742 -0.52 14.82 -13.27
CA TYR A 742 0.74 14.43 -13.88
C TYR A 742 1.94 14.80 -13.02
N GLY A 743 1.90 15.96 -12.37
CA GLY A 743 3.04 16.39 -11.54
C GLY A 743 3.27 15.46 -10.35
N VAL A 744 2.20 14.85 -9.84
CA VAL A 744 2.32 13.88 -8.75
C VAL A 744 2.97 12.60 -9.29
N TYR A 745 2.48 12.15 -10.45
CA TYR A 745 3.07 10.98 -11.11
C TYR A 745 4.56 11.25 -11.39
N LYS A 746 4.87 12.44 -11.90
CA LYS A 746 6.23 12.74 -12.34
C LYS A 746 7.19 12.68 -11.15
N MET A 747 6.80 13.34 -10.07
CA MET A 747 7.61 13.37 -8.87
C MET A 747 7.82 11.99 -8.27
N THR A 748 6.80 11.14 -8.37
CA THR A 748 6.85 9.83 -7.73
C THR A 748 7.65 8.83 -8.55
N TYR A 749 7.39 8.79 -9.85
CA TYR A 749 7.84 7.70 -10.74
C TYR A 749 8.89 8.05 -11.78
N ASP A 750 8.92 9.30 -12.24
CA ASP A 750 9.72 9.66 -13.42
C ASP A 750 11.19 9.85 -13.06
N LYS A 751 12.06 9.64 -14.06
CA LYS A 751 13.48 9.95 -13.95
C LYS A 751 13.81 11.37 -13.46
N SER A 752 12.96 12.31 -13.80
CA SER A 752 13.08 13.72 -13.40
C SER A 752 12.51 14.02 -12.01
N GLY A 753 11.91 13.03 -11.35
CA GLY A 753 11.27 13.20 -10.05
C GLY A 753 12.23 12.92 -8.92
N LYS A 754 11.70 12.53 -7.77
CA LYS A 754 12.49 12.43 -6.54
C LYS A 754 12.58 11.02 -5.99
N GLY A 755 12.14 10.02 -6.75
CA GLY A 755 12.42 8.64 -6.38
C GLY A 755 11.53 8.08 -5.28
N TYR A 756 10.23 8.32 -5.39
CA TYR A 756 9.29 7.90 -4.34
C TYR A 756 8.42 6.71 -4.70
N TRP A 757 8.77 6.03 -5.78
CA TRP A 757 8.04 4.83 -6.18
C TRP A 757 7.90 3.82 -5.05
N PHE A 758 6.67 3.33 -4.85
CA PHE A 758 6.37 2.35 -3.78
C PHE A 758 6.60 2.91 -2.39
N ARG A 759 6.54 4.23 -2.27
CA ARG A 759 6.57 4.88 -0.96
C ARG A 759 6.03 6.29 -1.05
N THR A 760 4.96 6.47 -1.81
CA THR A 760 4.43 7.79 -2.09
C THR A 760 4.19 8.53 -0.77
N PRO A 761 4.75 9.73 -0.63
CA PRO A 761 4.62 10.45 0.64
C PRO A 761 3.34 11.27 0.75
N GLU A 762 3.01 11.68 1.97
CA GLU A 762 1.98 12.70 2.17
C GLU A 762 2.29 13.92 1.32
N ALA A 763 3.49 14.46 1.44
CA ALA A 763 3.75 15.82 1.00
C ALA A 763 5.14 16.02 0.49
N TRP A 764 5.29 17.01 -0.39
CA TRP A 764 6.61 17.57 -0.68
C TRP A 764 6.53 19.08 -0.77
N THR A 765 7.68 19.69 -0.54
CA THR A 765 7.88 21.13 -0.75
C THR A 765 8.47 21.40 -2.13
N LYS A 766 8.67 22.68 -2.47
CA LYS A 766 9.11 23.05 -3.82
C LYS A 766 10.48 22.48 -4.20
N ASP A 767 11.34 22.20 -3.22
CA ASP A 767 12.61 21.54 -3.47
C ASP A 767 12.50 20.04 -3.74
N GLY A 768 11.27 19.51 -3.63
CA GLY A 768 11.02 18.11 -3.90
C GLY A 768 11.21 17.17 -2.72
N ASN A 769 11.75 17.67 -1.61
CA ASN A 769 11.93 16.86 -0.41
C ASN A 769 10.59 16.63 0.27
N TYR A 770 10.51 15.56 1.06
CA TYR A 770 9.20 14.98 1.44
C TYR A 770 8.92 14.95 2.92
N ARG A 771 7.64 14.74 3.24
CA ARG A 771 7.23 14.41 4.59
C ARG A 771 6.32 13.18 4.52
N ALA A 772 6.67 12.17 5.32
CA ALA A 772 5.89 10.95 5.59
C ALA A 772 5.75 10.06 4.35
N SER A 773 6.81 9.34 4.02
CA SER A 773 6.77 8.35 2.94
C SER A 773 5.81 7.21 3.33
N MET A 774 5.35 6.46 2.32
CA MET A 774 4.44 5.32 2.51
C MET A 774 3.13 5.77 3.17
N TYR A 775 2.41 6.64 2.47
CA TYR A 775 1.28 7.35 3.07
C TYR A 775 -0.05 6.91 2.44
N MET A 776 -1.11 6.86 3.23
CA MET A 776 -2.41 6.37 2.73
C MET A 776 -3.11 7.33 1.76
N ARG A 777 -2.97 8.63 1.98
CA ARG A 777 -3.77 9.62 1.27
C ARG A 777 -3.72 9.52 -0.27
N PRO A 778 -2.55 9.28 -0.90
CA PRO A 778 -2.50 9.21 -2.38
C PRO A 778 -3.24 8.06 -3.02
N LEU A 779 -3.77 7.13 -2.23
CA LEU A 779 -4.73 6.15 -2.78
C LEU A 779 -5.97 6.84 -3.35
N SER A 780 -6.16 8.12 -3.03
CA SER A 780 -7.21 8.92 -3.64
C SER A 780 -7.16 9.01 -5.15
N ILE A 781 -6.05 8.63 -5.78
CA ILE A 781 -6.03 8.56 -7.25
C ILE A 781 -7.21 7.74 -7.79
N TRP A 782 -7.66 6.73 -7.08
CA TRP A 782 -8.83 5.94 -7.51
C TRP A 782 -10.14 6.73 -7.59
N SER A 783 -10.23 7.89 -6.95
CA SER A 783 -11.36 8.80 -7.19
C SER A 783 -11.43 9.32 -8.62
N MET A 784 -10.33 9.25 -9.36
CA MET A 784 -10.35 9.56 -10.78
C MET A 784 -11.03 8.49 -11.64
N GLU A 785 -11.34 7.32 -11.08
CA GLU A 785 -12.03 6.24 -11.82
C GLU A 785 -13.52 6.15 -11.50
N VAL A 786 -14.03 7.06 -10.68
CA VAL A 786 -15.46 7.05 -10.34
C VAL A 786 -16.35 7.19 -11.58
C2 BGC B . 1.22 12.96 13.84
C3 BGC B . 1.35 13.76 12.56
C4 BGC B . 2.34 14.92 12.74
C5 BGC B . 3.64 14.46 13.42
C6 BGC B . 4.61 15.59 13.80
C1 BGC B . 2.58 12.51 14.35
O1 BGC B . 2.41 11.80 15.56
O2 BGC B . 0.35 11.85 13.68
O3 BGC B . 0.04 14.25 12.28
O4 BGC B . 2.63 15.46 11.45
O5 BGC B . 3.32 13.70 14.58
O6 BGC B . 4.00 16.44 14.77
C2 BGC B . -2.04 13.40 11.51
C3 BGC B . -3.08 13.49 10.38
C4 BGC B . -2.86 14.77 9.58
C5 BGC B . -1.43 14.78 9.06
C6 BGC B . -1.09 15.95 8.16
C1 BGC B . -0.62 13.79 11.08
O2 BGC B . -2.07 12.08 12.08
O3 BGC B . -4.36 13.48 10.99
O4 BGC B . -3.82 14.87 8.51
O5 BGC B . -0.55 14.88 10.20
O6 BGC B . 0.08 15.70 7.36
C1 GOL C . 8.80 5.22 14.13
C1 GOL C . 8.52 5.01 14.09
O1 GOL C . 8.90 5.08 12.71
O1 GOL C . 8.74 5.21 12.69
C2 GOL C . 7.50 5.90 14.50
C2 GOL C . 7.30 5.79 14.57
O2 GOL C . 7.54 7.30 14.22
O2 GOL C . 6.07 5.20 14.16
C3 GOL C . 7.26 5.66 15.99
C3 GOL C . 7.30 5.83 16.09
O3 GOL C . 6.01 6.21 16.38
O3 GOL C . 6.26 6.68 16.54
C1 GOL D . -2.50 -15.31 -18.22
O1 GOL D . -2.81 -16.27 -19.24
C2 GOL D . -1.43 -14.33 -18.69
O2 GOL D . -1.20 -13.33 -17.68
C3 GOL D . -0.14 -15.09 -19.02
O3 GOL D . 0.93 -14.21 -19.37
C1 GOL E . -7.37 -25.16 13.23
O1 GOL E . -6.87 -23.99 12.63
C2 GOL E . -6.54 -26.31 12.72
O2 GOL E . -6.99 -27.50 13.38
C3 GOL E . -5.07 -26.07 13.03
O3 GOL E . -4.34 -25.47 11.95
C1 GOL F . -4.08 30.96 5.93
O1 GOL F . -2.67 30.85 5.73
C2 GOL F . -4.40 31.35 7.36
O2 GOL F . -3.88 32.65 7.65
C3 GOL F . -3.73 30.35 8.30
O3 GOL F . -4.07 30.58 9.66
C1 GOL G . -14.47 -8.42 4.52
O1 GOL G . -14.54 -9.82 4.23
C2 GOL G . -14.77 -8.02 5.97
O2 GOL G . -13.57 -8.11 6.74
C3 GOL G . -15.86 -8.84 6.63
O3 GOL G . -16.13 -8.38 7.97
C1 GOL H . -27.79 13.98 19.09
O1 GOL H . -26.73 14.49 19.91
C2 GOL H . -28.26 12.64 19.62
O2 GOL H . -27.21 11.67 19.49
C3 GOL H . -29.46 12.15 18.86
O3 GOL H . -29.13 12.01 17.48
C1 GOL I . 20.64 -1.81 4.57
O1 GOL I . 19.43 -1.91 5.34
C2 GOL I . 20.76 -2.94 3.54
O2 GOL I . 20.43 -4.20 4.13
C3 GOL I . 19.84 -2.72 2.35
O3 GOL I . 20.34 -3.39 1.20
C1 GOL J . 3.77 -35.05 0.57
O1 GOL J . 3.39 -36.17 -0.24
C2 GOL J . 2.55 -34.23 1.01
O2 GOL J . 1.68 -35.02 1.83
C3 GOL J . 1.82 -33.71 -0.22
O3 GOL J . 0.55 -33.13 0.11
C1 GOL K . 13.39 -35.17 -8.49
O1 GOL K . 12.19 -34.81 -9.19
C2 GOL K . 13.50 -34.35 -7.20
O2 GOL K . 14.83 -33.91 -6.98
C3 GOL K . 13.04 -35.19 -6.01
O3 GOL K . 14.07 -36.11 -5.57
C1 GOL L . -18.66 34.05 10.03
O1 GOL L . -18.59 35.38 9.50
C2 GOL L . -17.90 33.98 11.35
O2 GOL L . -16.55 34.38 11.15
C3 GOL L . -17.88 32.59 11.99
O3 GOL L . -19.08 31.83 11.84
C1 GOL M . -17.90 -5.65 14.00
O1 GOL M . -16.54 -5.24 13.89
C2 GOL M . -18.87 -4.46 13.84
O2 GOL M . -18.17 -3.25 13.46
C3 GOL M . -19.93 -4.80 12.81
O3 GOL M . -19.34 -4.99 11.52
C1 GOL N . 14.64 6.50 -13.35
O1 GOL N . 15.94 5.98 -13.13
C2 GOL N . 13.63 5.38 -13.52
O2 GOL N . 13.72 4.84 -14.85
C3 GOL N . 12.22 5.91 -13.25
O3 GOL N . 11.27 5.38 -14.18
C1 GOL O . -18.45 -8.76 15.46
O1 GOL O . -17.18 -8.60 14.81
C2 GOL O . -19.56 -8.85 14.41
O2 GOL O . -19.10 -9.66 13.33
C3 GOL O . -20.79 -9.52 15.00
O3 GOL O . -20.63 -10.94 14.94
C1 GOL P . -12.36 3.22 24.64
O1 GOL P . -12.12 2.79 25.98
C2 GOL P . -11.08 3.09 23.82
O2 GOL P . -11.45 2.63 22.50
C3 GOL P . -10.33 4.44 23.87
O3 GOL P . -8.90 4.35 23.66
C1 GOL Q . -14.16 -11.59 -8.02
O1 GOL Q . -15.19 -12.57 -7.88
C2 GOL Q . -13.07 -12.11 -8.95
O2 GOL Q . -13.65 -12.40 -10.23
C3 GOL Q . -12.39 -13.37 -8.42
O3 GOL Q . -12.98 -13.96 -7.26
C1 GOL R . -12.03 0.82 -13.02
O1 GOL R . -12.60 1.88 -13.80
C2 GOL R . -13.12 0.17 -12.16
O2 GOL R . -13.66 1.18 -11.29
C3 GOL R . -12.64 -1.00 -11.31
O3 GOL R . -11.55 -1.75 -11.88
CA CA S . -20.43 29.59 12.98
C1 EDO T . 1.64 -5.02 5.10
O1 EDO T . 2.39 -3.84 5.09
C2 EDO T . 2.28 -6.04 5.91
O2 EDO T . 2.19 -5.73 7.27
C1 EDO U . 3.20 9.14 16.11
O1 EDO U . 4.22 9.65 15.26
C2 EDO U . 3.27 7.66 16.49
O2 EDO U . 3.58 6.79 15.41
#